data_4OMT
#
_entry.id   4OMT
#
_cell.length_a   229.700
_cell.length_b   229.700
_cell.length_c   133.000
_cell.angle_alpha   90.00
_cell.angle_beta   90.00
_cell.angle_gamma   120.00
#
_symmetry.space_group_name_H-M   'P 62 2 2'
#
_entity_poly.entity_id   1
_entity_poly.type   'polypeptide(L)'
_entity_poly.pdbx_seq_one_letter_code
;MTHEEHHAAKTLGIGKAIAVLTSGGDAQGMNAAVRAVVRVGIFTGARVFFVHEGYQGLVDGGDHIKEATWESVSMMLQLG
GTVIGSARCKDFREREGRLRAAYNLVKRGITNLCVIGGDGSLTGADTFRSEWSDLLSDLQKAGKITDEEATKSSYLNIVG
LVGSIDNDFCGTDMTIGTDSALHRIMEIVDAITTTAQSHQRTFVLEVMGRHCGYLALVTSLSCGADWVFIPECPPDDDWE
EHLCRRLSETRTRGSRLNIIIVAEGAIDKNGKPITSEDIKNLVVKRLGYDTRVTVLGHVQRGGTPSAFDRILGSRMGVEA
VMALLEGTPDTPACVVSLSGNQAVRLPLMECVQVTKDVTKAMDEKKFDEALKLRGRSFMNNWEVYKLLAHVRPPVSKSGS
HTVAVMNVGAPAAGMNAAVRSTVRIGLIQGNRVLVVHDGFEGLAKGQIEEAGWSYVGGWTGQGGSKLGTKRTLPKKSFEQ
ISANITKFNIQGLVIIGGFEAYTGGLELMEGRKQFDELCIPFVVIPATVSNNVPGSDFSVGADTALNTICTTCDRIKQSA
AGTKRRVFIIETMGGYCGYLATMAGLAAGADAAYIFEEPFTIRDLQANVEHLVQKMKTTVKRGLVLRNEKCNENYTTDFI
FNLYSEEGKGIFDSRKNVLGHMQQGGSPTPFDRNFATKMGAKAMNWMSGKIKESYRNGRIFANTPDSGCVLGMRKRALVF
QPVAELKDQTDFEHRIPKEQWWLKLRPILKILAKYEIDLDTSDHAHLEHITRKRSGEAAV
;
_entity_poly.pdbx_strand_id   A
#
# COMPACT_ATOMS: atom_id res chain seq x y z
N ALA A 8 -28.84 -13.12 -7.88
CA ALA A 8 -28.01 -14.01 -7.06
C ALA A 8 -27.25 -15.00 -7.94
N ALA A 9 -26.52 -14.48 -8.92
CA ALA A 9 -26.46 -13.04 -9.14
C ALA A 9 -26.70 -12.69 -10.60
N LYS A 10 -25.61 -12.50 -11.34
CA LYS A 10 -25.67 -12.15 -12.77
C LYS A 10 -27.04 -11.51 -13.11
N THR A 11 -28.04 -11.82 -12.29
CA THR A 11 -29.40 -11.33 -12.48
C THR A 11 -29.69 -10.11 -11.63
N LEU A 12 -28.72 -9.70 -10.83
CA LEU A 12 -28.91 -8.64 -9.86
C LEU A 12 -29.12 -7.23 -10.46
N GLY A 13 -28.24 -6.82 -11.36
CA GLY A 13 -28.37 -5.53 -12.01
C GLY A 13 -29.03 -5.55 -13.36
N ILE A 14 -29.67 -6.66 -13.72
CA ILE A 14 -30.49 -6.72 -14.93
C ILE A 14 -31.63 -5.71 -14.74
N GLY A 15 -31.92 -4.94 -15.78
CA GLY A 15 -32.88 -3.84 -15.67
C GLY A 15 -32.36 -2.65 -14.88
N LYS A 16 -31.03 -2.54 -14.80
CA LYS A 16 -30.37 -1.45 -14.11
C LYS A 16 -29.29 -0.85 -15.00
N ALA A 17 -29.06 0.44 -14.84
CA ALA A 17 -28.02 1.12 -15.56
C ALA A 17 -27.19 1.91 -14.56
N ILE A 18 -25.90 2.10 -14.86
CA ILE A 18 -25.04 2.95 -14.04
C ILE A 18 -24.07 3.82 -14.86
N ALA A 19 -23.86 5.04 -14.40
CA ALA A 19 -22.92 5.94 -15.03
C ALA A 19 -21.79 6.26 -14.09
N VAL A 20 -20.60 6.17 -14.63
CA VAL A 20 -19.44 6.48 -13.86
C VAL A 20 -18.89 7.80 -14.28
N LEU A 21 -18.19 8.40 -13.36
CA LEU A 21 -17.73 9.72 -13.55
C LEU A 21 -16.48 9.84 -12.74
N THR A 22 -15.48 10.49 -13.32
CA THR A 22 -14.20 10.71 -12.66
C THR A 22 -13.91 12.18 -12.38
N SER A 23 -14.38 12.66 -11.24
CA SER A 23 -14.13 14.03 -10.82
C SER A 23 -12.80 14.15 -10.08
N GLY A 24 -12.50 15.36 -9.61
CA GLY A 24 -11.26 15.63 -8.89
C GLY A 24 -10.02 15.69 -9.75
N GLY A 25 -8.87 15.82 -9.11
CA GLY A 25 -7.61 15.76 -9.81
C GLY A 25 -7.25 14.32 -10.16
N ASP A 26 -6.41 14.17 -11.19
CA ASP A 26 -5.86 12.88 -11.61
C ASP A 26 -5.16 12.12 -10.46
N ALA A 27 -5.65 10.94 -10.13
CA ALA A 27 -5.02 10.13 -9.11
C ALA A 27 -4.80 8.76 -9.69
N GLN A 28 -3.54 8.37 -9.87
CA GLN A 28 -3.24 7.13 -10.58
C GLN A 28 -3.97 5.91 -10.01
N GLY A 29 -4.73 5.23 -10.85
CA GLY A 29 -5.48 4.05 -10.45
C GLY A 29 -6.96 4.31 -10.41
N MET A 30 -7.34 5.58 -10.57
CA MET A 30 -8.72 5.92 -10.86
C MET A 30 -9.14 5.03 -12.03
N ASN A 31 -8.26 4.94 -13.04
CA ASN A 31 -8.45 4.11 -14.23
C ASN A 31 -8.80 2.67 -13.92
N ALA A 32 -8.18 2.11 -12.89
CA ALA A 32 -8.49 0.77 -12.44
C ALA A 32 -9.88 0.70 -11.83
N ALA A 33 -10.19 1.72 -11.03
CA ALA A 33 -11.49 1.83 -10.40
C ALA A 33 -12.55 1.78 -11.48
N VAL A 34 -12.48 2.73 -12.41
CA VAL A 34 -13.32 2.75 -13.61
C VAL A 34 -13.51 1.32 -14.14
N ARG A 35 -12.48 0.80 -14.78
CA ARG A 35 -12.44 -0.53 -15.33
C ARG A 35 -13.29 -1.46 -14.50
N ALA A 36 -12.89 -1.62 -13.26
CA ALA A 36 -13.59 -2.48 -12.34
C ALA A 36 -15.06 -2.18 -12.39
N VAL A 37 -15.39 -0.95 -12.04
CA VAL A 37 -16.75 -0.54 -12.00
C VAL A 37 -17.43 -1.03 -13.28
N VAL A 38 -16.88 -0.68 -14.44
CA VAL A 38 -17.45 -1.10 -15.71
C VAL A 38 -17.59 -2.60 -15.71
N ARG A 39 -16.47 -3.29 -15.75
CA ARG A 39 -16.47 -4.72 -15.92
C ARG A 39 -17.44 -5.41 -14.99
N VAL A 40 -17.50 -4.93 -13.75
CA VAL A 40 -18.36 -5.53 -12.74
C VAL A 40 -19.80 -5.13 -12.89
N GLY A 41 -20.00 -3.91 -13.38
CA GLY A 41 -21.32 -3.43 -13.70
C GLY A 41 -21.96 -4.29 -14.75
N ILE A 42 -21.32 -4.37 -15.93
CA ILE A 42 -21.77 -5.19 -17.06
C ILE A 42 -22.10 -6.58 -16.55
N PHE A 43 -21.09 -7.18 -15.92
CA PHE A 43 -21.15 -8.50 -15.36
C PHE A 43 -22.44 -8.70 -14.59
N THR A 44 -22.74 -7.76 -13.72
CA THR A 44 -23.93 -7.88 -12.93
C THR A 44 -25.21 -7.57 -13.72
N GLY A 45 -25.21 -7.90 -15.02
CA GLY A 45 -26.38 -7.74 -15.89
C GLY A 45 -26.79 -6.29 -16.18
N ALA A 46 -26.09 -5.37 -15.55
CA ALA A 46 -26.34 -3.94 -15.67
C ALA A 46 -25.75 -3.36 -16.94
N ARG A 47 -26.07 -2.10 -17.23
CA ARG A 47 -25.47 -1.41 -18.35
C ARG A 47 -24.65 -0.27 -17.76
N VAL A 48 -23.48 0.00 -18.34
CA VAL A 48 -22.61 1.04 -17.78
C VAL A 48 -22.32 2.16 -18.75
N PHE A 49 -22.49 3.38 -18.26
CA PHE A 49 -22.31 4.57 -19.05
C PHE A 49 -21.14 5.35 -18.54
N PHE A 50 -20.29 5.77 -19.45
CA PHE A 50 -19.21 6.70 -19.13
C PHE A 50 -19.78 8.07 -18.92
N VAL A 51 -19.00 8.93 -18.31
CA VAL A 51 -19.32 10.34 -18.24
C VAL A 51 -18.03 11.08 -18.40
N HIS A 52 -17.76 11.51 -19.62
CA HIS A 52 -16.53 12.21 -19.93
C HIS A 52 -16.53 13.58 -19.28
N GLU A 53 -15.34 13.96 -18.84
CA GLU A 53 -15.05 15.23 -18.19
C GLU A 53 -15.86 15.43 -16.91
N GLY A 54 -15.42 14.75 -15.85
CA GLY A 54 -15.92 14.93 -14.49
C GLY A 54 -17.39 15.19 -14.39
N TYR A 55 -17.75 16.13 -13.52
CA TYR A 55 -19.13 16.51 -13.30
C TYR A 55 -19.69 17.28 -14.47
N GLN A 56 -18.78 17.78 -15.29
CA GLN A 56 -19.11 18.57 -16.46
C GLN A 56 -19.95 17.76 -17.47
N GLY A 57 -19.42 16.62 -17.92
CA GLY A 57 -20.12 15.72 -18.83
C GLY A 57 -21.48 15.26 -18.33
N LEU A 58 -21.64 15.34 -17.02
CA LEU A 58 -22.90 15.13 -16.31
C LEU A 58 -23.81 16.32 -16.56
N VAL A 59 -23.33 17.50 -16.24
CA VAL A 59 -24.03 18.76 -16.51
C VAL A 59 -24.35 18.90 -18.01
N ASP A 60 -23.31 18.89 -18.84
CA ASP A 60 -23.47 18.96 -20.29
C ASP A 60 -24.40 17.90 -20.82
N GLY A 61 -23.94 16.65 -20.89
CA GLY A 61 -24.74 15.54 -21.40
C GLY A 61 -24.43 15.23 -22.84
N GLY A 62 -25.41 14.66 -23.54
CA GLY A 62 -25.37 14.49 -25.00
C GLY A 62 -24.29 13.62 -25.59
N ASP A 63 -23.14 14.24 -25.85
CA ASP A 63 -21.94 13.54 -26.32
C ASP A 63 -20.94 13.27 -25.18
N HIS A 64 -21.24 13.77 -23.98
CA HIS A 64 -20.38 13.60 -22.78
C HIS A 64 -20.79 12.45 -21.89
N ILE A 65 -21.88 11.80 -22.27
CA ILE A 65 -22.36 10.58 -21.64
C ILE A 65 -22.41 9.48 -22.71
N LYS A 66 -21.33 8.71 -22.85
CA LYS A 66 -21.25 7.60 -23.81
C LYS A 66 -21.27 6.22 -23.11
N GLU A 67 -21.94 5.24 -23.72
CA GLU A 67 -22.06 3.88 -23.14
C GLU A 67 -20.75 3.12 -23.21
N ALA A 68 -20.41 2.51 -22.08
CA ALA A 68 -19.21 1.70 -21.96
C ALA A 68 -19.41 0.27 -22.42
N THR A 69 -18.43 -0.19 -23.17
CA THR A 69 -18.37 -1.58 -23.53
C THR A 69 -17.34 -2.27 -22.64
N TRP A 70 -17.13 -3.55 -22.86
CA TRP A 70 -16.11 -4.30 -22.17
C TRP A 70 -14.77 -3.91 -22.77
N GLU A 71 -14.69 -3.96 -24.10
CA GLU A 71 -13.52 -3.58 -24.89
C GLU A 71 -13.09 -2.13 -24.65
N SER A 72 -13.98 -1.34 -24.05
CA SER A 72 -13.80 0.08 -23.78
C SER A 72 -12.84 0.37 -22.64
N VAL A 73 -12.79 -0.54 -21.68
CA VAL A 73 -11.95 -0.39 -20.49
C VAL A 73 -10.67 -1.25 -20.52
N SER A 74 -10.41 -1.85 -21.69
CA SER A 74 -9.24 -2.70 -21.98
C SER A 74 -7.96 -1.86 -22.01
N MET A 75 -6.91 -2.38 -21.39
CA MET A 75 -5.63 -1.67 -21.27
C MET A 75 -5.82 -0.30 -20.58
N MET A 76 -6.37 -0.35 -19.36
CA MET A 76 -6.61 0.84 -18.54
C MET A 76 -5.95 0.79 -17.14
N LEU A 77 -5.67 -0.42 -16.66
CA LEU A 77 -4.99 -0.66 -15.37
C LEU A 77 -3.66 0.09 -15.22
N GLN A 78 -2.80 -0.10 -16.22
CA GLN A 78 -1.44 0.45 -16.29
C GLN A 78 -1.29 1.91 -16.83
N LEU A 79 -2.40 2.61 -17.07
CA LEU A 79 -2.39 4.06 -17.49
C LEU A 79 -2.71 5.05 -16.32
N GLY A 80 -1.83 6.02 -16.11
CA GLY A 80 -1.93 6.99 -15.02
C GLY A 80 -2.78 8.18 -15.37
N GLY A 81 -3.47 8.72 -14.37
CA GLY A 81 -4.49 9.74 -14.61
C GLY A 81 -5.83 9.12 -14.93
N THR A 82 -6.76 9.92 -15.45
CA THR A 82 -8.12 9.47 -15.83
C THR A 82 -8.41 9.58 -17.36
N VAL A 83 -8.87 8.48 -17.99
CA VAL A 83 -9.18 8.37 -19.47
C VAL A 83 -10.65 8.65 -19.87
N ILE A 84 -11.55 8.49 -18.89
CA ILE A 84 -12.93 8.95 -19.01
C ILE A 84 -12.94 10.48 -18.99
N GLY A 85 -11.88 11.07 -18.44
CA GLY A 85 -11.71 12.52 -18.43
C GLY A 85 -12.08 13.13 -17.10
N SER A 86 -11.29 14.13 -16.69
CA SER A 86 -11.52 14.90 -15.47
C SER A 86 -11.50 16.40 -15.81
N ALA A 87 -12.54 17.13 -15.42
CA ALA A 87 -12.63 18.57 -15.67
C ALA A 87 -12.60 19.38 -14.37
N ARG A 88 -13.33 20.50 -14.37
CA ARG A 88 -13.43 21.39 -13.22
C ARG A 88 -14.77 22.13 -13.18
N CYS A 89 -15.82 21.48 -13.65
CA CYS A 89 -17.15 22.07 -13.72
C CYS A 89 -17.54 22.72 -12.40
N LYS A 90 -17.71 24.04 -12.45
CA LYS A 90 -18.20 24.84 -11.33
C LYS A 90 -19.64 25.31 -11.56
N ASP A 91 -20.28 24.70 -12.56
CA ASP A 91 -21.73 24.83 -12.81
C ASP A 91 -22.49 23.89 -11.90
N PHE A 92 -21.85 22.78 -11.52
CA PHE A 92 -22.41 21.74 -10.65
C PHE A 92 -22.41 22.09 -9.15
N ARG A 93 -21.58 23.07 -8.79
CA ARG A 93 -21.53 23.61 -7.43
C ARG A 93 -22.70 24.57 -7.12
N GLU A 94 -23.44 24.96 -8.15
CA GLU A 94 -24.70 25.68 -7.95
C GLU A 94 -25.83 24.86 -8.53
N ARG A 95 -27.04 25.13 -8.06
CA ARG A 95 -28.19 24.35 -8.45
C ARG A 95 -28.68 24.61 -9.88
N GLU A 96 -28.23 25.71 -10.49
CA GLU A 96 -28.50 26.06 -11.89
C GLU A 96 -27.88 25.09 -12.93
N GLY A 97 -27.11 24.13 -12.44
CA GLY A 97 -26.46 23.09 -13.24
C GLY A 97 -26.71 21.66 -12.78
N ARG A 98 -26.95 21.47 -11.48
CA ARG A 98 -27.29 20.15 -10.88
C ARG A 98 -28.59 19.61 -11.45
N LEU A 99 -29.53 20.51 -11.70
CA LEU A 99 -30.80 20.17 -12.31
C LEU A 99 -30.60 19.57 -13.70
N ARG A 100 -29.84 20.24 -14.55
CA ARG A 100 -29.60 19.79 -15.92
C ARG A 100 -28.80 18.48 -15.99
N ALA A 101 -27.96 18.23 -14.97
CA ALA A 101 -27.30 16.94 -14.80
C ALA A 101 -28.34 15.88 -14.42
N ALA A 102 -29.20 16.21 -13.47
CA ALA A 102 -30.32 15.35 -13.08
C ALA A 102 -31.26 15.08 -14.23
N TYR A 103 -31.36 16.04 -15.14
CA TYR A 103 -32.13 15.93 -16.36
C TYR A 103 -31.49 14.93 -17.30
N ASN A 104 -30.21 15.12 -17.61
CA ASN A 104 -29.42 14.18 -18.43
C ASN A 104 -29.37 12.75 -17.86
N LEU A 105 -29.76 12.59 -16.60
CA LEU A 105 -29.73 11.30 -15.88
C LEU A 105 -31.02 10.52 -16.04
N VAL A 106 -32.12 11.19 -15.73
CA VAL A 106 -33.39 10.55 -15.89
C VAL A 106 -33.79 10.51 -17.38
N LYS A 107 -33.26 11.45 -18.19
CA LYS A 107 -33.42 11.42 -19.66
C LYS A 107 -32.75 10.18 -20.30
N ARG A 108 -31.57 9.80 -19.82
CA ARG A 108 -30.89 8.57 -20.26
C ARG A 108 -31.43 7.34 -19.52
N GLY A 109 -32.18 7.58 -18.44
CA GLY A 109 -32.73 6.51 -17.62
C GLY A 109 -31.69 5.86 -16.75
N ILE A 110 -31.28 6.57 -15.70
CA ILE A 110 -30.21 6.13 -14.78
C ILE A 110 -30.59 6.29 -13.30
N THR A 111 -30.23 5.29 -12.51
CA THR A 111 -30.51 5.26 -11.07
C THR A 111 -29.27 5.13 -10.19
N ASN A 112 -28.13 4.80 -10.79
CA ASN A 112 -26.91 4.53 -10.02
C ASN A 112 -25.69 5.28 -10.50
N LEU A 113 -25.15 6.16 -9.67
CA LEU A 113 -24.02 6.97 -10.08
C LEU A 113 -22.74 6.68 -9.34
N CYS A 114 -21.68 6.45 -10.08
CA CYS A 114 -20.38 6.21 -9.49
C CYS A 114 -19.47 7.42 -9.68
N VAL A 115 -19.12 8.06 -8.57
CA VAL A 115 -18.22 9.23 -8.58
C VAL A 115 -16.88 8.95 -7.93
N ILE A 116 -15.86 8.76 -8.75
CA ILE A 116 -14.51 8.63 -8.25
C ILE A 116 -13.95 10.03 -8.12
N GLY A 117 -13.47 10.36 -6.94
CA GLY A 117 -12.86 11.67 -6.70
C GLY A 117 -12.29 11.89 -5.31
N GLY A 118 -11.90 13.12 -5.03
CA GLY A 118 -11.44 13.54 -3.70
C GLY A 118 -12.46 14.35 -2.92
N ASP A 119 -12.05 14.85 -1.75
CA ASP A 119 -12.92 15.53 -0.76
C ASP A 119 -13.97 16.52 -1.30
N GLY A 120 -13.61 17.23 -2.36
CA GLY A 120 -14.50 18.22 -2.98
C GLY A 120 -15.50 17.62 -3.95
N SER A 121 -15.08 16.55 -4.61
CA SER A 121 -15.89 15.79 -5.57
C SER A 121 -16.84 14.77 -4.91
N LEU A 122 -16.47 14.28 -3.73
CA LEU A 122 -17.30 13.39 -2.93
C LEU A 122 -18.31 14.17 -2.08
N THR A 123 -18.03 15.44 -1.81
CA THR A 123 -18.99 16.32 -1.10
C THR A 123 -20.04 16.95 -2.01
N GLY A 124 -19.72 17.08 -3.29
CA GLY A 124 -20.61 17.68 -4.27
C GLY A 124 -21.63 16.70 -4.80
N ALA A 125 -21.28 15.42 -4.75
CA ALA A 125 -22.22 14.31 -5.00
C ALA A 125 -23.08 14.02 -3.77
N ASP A 126 -22.53 14.29 -2.57
CA ASP A 126 -23.23 14.13 -1.28
C ASP A 126 -24.41 15.07 -1.13
N THR A 127 -24.14 16.32 -1.46
CA THR A 127 -25.15 17.33 -1.47
C THR A 127 -26.11 17.07 -2.66
N PHE A 128 -25.62 16.48 -3.74
CA PHE A 128 -26.43 16.07 -4.93
C PHE A 128 -27.45 14.97 -4.66
N ARG A 129 -27.14 14.07 -3.72
CA ARG A 129 -28.06 13.03 -3.27
C ARG A 129 -29.16 13.61 -2.40
N SER A 130 -28.79 14.56 -1.54
CA SER A 130 -29.69 15.16 -0.58
C SER A 130 -30.64 16.20 -1.18
N GLU A 131 -30.11 17.00 -2.10
CA GLU A 131 -30.89 17.91 -2.91
C GLU A 131 -31.31 17.21 -4.21
N TRP A 132 -31.69 15.93 -4.13
CA TRP A 132 -32.25 15.17 -5.28
C TRP A 132 -33.78 14.96 -5.21
N SER A 133 -34.33 15.02 -4.01
CA SER A 133 -35.77 14.90 -3.82
C SER A 133 -36.58 15.99 -4.54
N ASP A 134 -36.18 17.23 -4.35
CA ASP A 134 -36.81 18.41 -4.94
C ASP A 134 -36.49 18.66 -6.43
N LEU A 135 -35.33 18.19 -6.90
CA LEU A 135 -34.90 18.33 -8.32
C LEU A 135 -35.83 17.58 -9.30
N LEU A 136 -36.69 16.70 -8.78
CA LEU A 136 -37.73 16.02 -9.58
C LEU A 136 -38.99 16.86 -9.74
N SER A 137 -39.41 17.50 -8.66
CA SER A 137 -40.58 18.37 -8.65
C SER A 137 -40.31 19.71 -9.35
N ASP A 138 -39.05 20.14 -9.34
CA ASP A 138 -38.58 21.36 -10.04
C ASP A 138 -38.37 21.16 -11.54
N LEU A 139 -37.64 20.10 -11.91
CA LEU A 139 -37.52 19.65 -13.30
C LEU A 139 -38.80 18.94 -13.76
N GLN A 140 -39.90 19.25 -13.09
CA GLN A 140 -41.22 18.74 -13.43
C GLN A 140 -42.12 19.87 -13.95
N LYS A 141 -41.75 21.12 -13.65
CA LYS A 141 -42.48 22.30 -14.14
C LYS A 141 -42.45 22.43 -15.66
N ALA A 142 -41.44 21.83 -16.29
CA ALA A 142 -41.33 21.75 -17.75
C ALA A 142 -40.27 20.76 -18.29
N GLY A 143 -39.57 20.06 -17.40
CA GLY A 143 -38.53 19.10 -17.78
C GLY A 143 -38.94 18.03 -18.79
N LYS A 144 -39.23 16.82 -18.30
CA LYS A 144 -39.82 15.75 -19.12
C LYS A 144 -41.08 15.20 -18.47
N ILE A 145 -41.76 14.31 -19.16
CA ILE A 145 -43.01 13.69 -18.69
C ILE A 145 -42.94 13.26 -17.22
N THR A 146 -44.00 13.57 -16.46
CA THR A 146 -44.11 13.20 -15.03
C THR A 146 -44.37 11.70 -14.81
N ASP A 147 -44.38 10.92 -15.89
CA ASP A 147 -44.46 9.46 -15.84
C ASP A 147 -43.09 8.83 -15.59
N GLU A 148 -42.07 9.68 -15.61
CA GLU A 148 -40.69 9.30 -15.32
C GLU A 148 -40.34 9.49 -13.84
N GLU A 149 -40.81 10.58 -13.22
CA GLU A 149 -40.60 10.85 -11.78
C GLU A 149 -41.36 9.90 -10.84
N ALA A 150 -42.39 9.25 -11.38
CA ALA A 150 -43.13 8.20 -10.70
C ALA A 150 -42.59 6.79 -11.02
N THR A 151 -41.42 6.74 -11.65
CA THR A 151 -40.74 5.49 -11.98
C THR A 151 -39.25 5.46 -11.60
N LYS A 152 -38.76 6.56 -11.02
CA LYS A 152 -37.36 6.76 -10.58
C LYS A 152 -37.26 7.64 -9.32
N SER A 153 -38.21 7.48 -8.41
CA SER A 153 -38.43 8.40 -7.29
C SER A 153 -37.26 8.55 -6.29
N SER A 154 -37.44 8.09 -5.05
CA SER A 154 -36.40 8.13 -4.01
C SER A 154 -35.26 7.15 -4.30
N TYR A 155 -35.12 6.84 -5.58
CA TYR A 155 -34.22 5.84 -6.07
C TYR A 155 -33.12 6.56 -6.79
N LEU A 156 -32.27 7.23 -6.02
CA LEU A 156 -31.02 7.71 -6.54
C LEU A 156 -29.92 7.09 -5.70
N ASN A 157 -29.12 6.24 -6.35
CA ASN A 157 -28.00 5.59 -5.70
C ASN A 157 -26.66 6.13 -6.19
N ILE A 158 -25.90 6.67 -5.25
CA ILE A 158 -24.55 7.18 -5.51
C ILE A 158 -23.51 6.63 -4.55
N VAL A 159 -22.39 6.19 -5.12
CA VAL A 159 -21.27 5.66 -4.34
C VAL A 159 -20.04 6.52 -4.52
N GLY A 160 -19.53 6.99 -3.40
CA GLY A 160 -18.31 7.75 -3.38
C GLY A 160 -17.11 6.84 -3.31
N LEU A 161 -16.37 6.80 -4.40
CA LEU A 161 -15.12 6.09 -4.45
C LEU A 161 -14.01 7.11 -4.29
N VAL A 162 -13.28 7.01 -3.19
CA VAL A 162 -12.31 8.02 -2.84
C VAL A 162 -11.07 7.98 -3.71
N GLY A 163 -10.84 9.08 -4.44
CA GLY A 163 -9.67 9.23 -5.32
C GLY A 163 -8.99 10.59 -5.21
N SER A 164 -7.89 10.64 -4.48
CA SER A 164 -7.13 11.88 -4.30
C SER A 164 -5.75 11.57 -3.73
N ILE A 165 -4.71 12.03 -4.45
CA ILE A 165 -3.28 11.85 -4.08
C ILE A 165 -2.88 12.56 -2.76
N ASP A 166 -3.89 13.13 -2.10
CA ASP A 166 -3.75 13.77 -0.79
C ASP A 166 -3.73 12.79 0.40
N ASN A 167 -4.49 11.69 0.28
CA ASN A 167 -4.90 10.76 1.38
C ASN A 167 -5.64 11.44 2.52
N ASP A 168 -6.14 12.64 2.21
CA ASP A 168 -6.83 13.51 3.15
C ASP A 168 -8.15 12.95 3.65
N PHE A 169 -8.93 12.36 2.74
CA PHE A 169 -10.26 11.81 3.07
C PHE A 169 -10.16 10.86 4.27
N CYS A 170 -10.96 11.15 5.29
CA CYS A 170 -11.03 10.27 6.45
C CYS A 170 -12.27 9.40 6.48
N GLY A 171 -12.03 8.15 6.81
CA GLY A 171 -12.97 7.07 6.60
C GLY A 171 -12.37 6.00 5.69
N THR A 172 -11.30 6.34 4.98
CA THR A 172 -10.55 5.43 4.09
C THR A 172 -9.06 5.30 4.47
N ASP A 173 -8.63 4.07 4.78
CA ASP A 173 -7.24 3.76 5.19
C ASP A 173 -6.26 4.27 4.12
N MET A 174 -6.66 4.07 2.86
CA MET A 174 -5.95 4.56 1.69
C MET A 174 -6.91 5.17 0.66
N THR A 175 -6.38 6.10 -0.11
CA THR A 175 -7.06 6.62 -1.29
C THR A 175 -6.28 6.15 -2.54
N ILE A 176 -6.94 6.13 -3.70
CA ILE A 176 -6.34 5.82 -5.01
C ILE A 176 -5.13 6.72 -5.27
N GLY A 177 -4.04 6.15 -5.79
CA GLY A 177 -2.91 6.96 -6.21
C GLY A 177 -1.89 7.22 -5.14
N THR A 178 -2.33 7.30 -3.88
CA THR A 178 -1.45 7.71 -2.80
C THR A 178 -0.17 6.90 -2.71
N ASP A 179 -0.23 5.64 -3.10
CA ASP A 179 0.97 4.82 -3.16
C ASP A 179 1.86 5.22 -4.33
N SER A 180 1.28 5.34 -5.51
CA SER A 180 2.01 5.70 -6.72
C SER A 180 2.68 7.05 -6.57
N ALA A 181 1.95 8.00 -6.03
CA ALA A 181 2.51 9.30 -5.70
C ALA A 181 3.73 9.12 -4.81
N LEU A 182 3.58 8.33 -3.76
CA LEU A 182 4.70 8.05 -2.90
C LEU A 182 5.87 7.56 -3.72
N HIS A 183 5.62 6.62 -4.63
CA HIS A 183 6.67 6.10 -5.50
C HIS A 183 7.40 7.22 -6.20
N ARG A 184 6.63 8.15 -6.75
CA ARG A 184 7.17 9.27 -7.50
C ARG A 184 8.14 10.03 -6.65
N ILE A 185 7.62 10.62 -5.58
CA ILE A 185 8.40 11.36 -4.62
C ILE A 185 9.65 10.54 -4.38
N MET A 186 9.43 9.28 -4.06
CA MET A 186 10.51 8.35 -3.71
C MET A 186 11.58 8.24 -4.78
N GLU A 187 11.21 8.11 -6.05
CA GLU A 187 12.21 7.97 -7.12
C GLU A 187 13.09 9.18 -7.24
N ILE A 188 12.48 10.33 -6.98
CA ILE A 188 13.15 11.60 -7.05
C ILE A 188 14.19 11.69 -5.98
N VAL A 189 13.74 11.59 -4.72
CA VAL A 189 14.62 11.51 -3.55
C VAL A 189 15.64 10.38 -3.75
N ASP A 190 15.19 9.23 -4.27
CA ASP A 190 16.05 8.08 -4.63
C ASP A 190 17.11 8.39 -5.69
N ALA A 191 16.91 9.49 -6.41
CA ALA A 191 17.89 9.96 -7.38
C ALA A 191 18.58 11.24 -6.91
N ILE A 192 17.93 11.99 -6.04
CA ILE A 192 18.55 13.11 -5.37
C ILE A 192 19.52 12.63 -4.27
N THR A 193 19.10 11.65 -3.45
CA THR A 193 19.88 11.10 -2.30
C THR A 193 21.19 10.38 -2.69
N THR A 194 21.21 9.78 -3.89
CA THR A 194 22.33 8.96 -4.40
C THR A 194 23.29 9.67 -5.38
N THR A 195 23.43 10.99 -5.23
CA THR A 195 24.28 11.79 -6.09
C THR A 195 25.06 12.81 -5.27
N ALA A 196 24.42 13.31 -4.21
CA ALA A 196 25.00 14.31 -3.32
C ALA A 196 26.24 13.78 -2.64
N GLN A 197 27.37 14.00 -3.30
CA GLN A 197 28.67 13.53 -2.83
C GLN A 197 29.68 14.67 -2.74
N SER A 198 29.40 15.76 -3.44
CA SER A 198 30.25 16.94 -3.41
C SER A 198 30.07 17.71 -2.11
N HIS A 199 29.52 18.92 -2.20
CA HIS A 199 29.32 19.77 -1.03
C HIS A 199 28.26 19.21 -0.06
N GLN A 200 28.04 19.91 1.05
CA GLN A 200 27.01 19.57 2.03
C GLN A 200 25.63 20.02 1.55
N ARG A 201 25.18 19.43 0.44
CA ARG A 201 23.93 19.79 -0.23
C ARG A 201 22.73 19.54 0.66
N THR A 202 21.81 20.48 0.70
CA THR A 202 20.67 20.40 1.61
C THR A 202 19.36 20.62 0.88
N PHE A 203 18.85 19.58 0.25
CA PHE A 203 17.66 19.72 -0.55
C PHE A 203 16.46 19.94 0.29
N VAL A 204 15.60 20.80 -0.22
CA VAL A 204 14.40 21.16 0.46
C VAL A 204 13.27 20.87 -0.51
N LEU A 205 12.80 19.64 -0.47
CA LEU A 205 11.76 19.19 -1.36
C LEU A 205 10.36 19.47 -0.78
N GLU A 206 9.60 20.32 -1.48
CA GLU A 206 8.22 20.67 -1.12
C GLU A 206 7.22 19.80 -1.86
N VAL A 207 6.50 19.03 -1.07
CA VAL A 207 5.61 18.09 -1.66
C VAL A 207 4.20 18.64 -1.69
N MET A 208 3.31 17.82 -2.20
CA MET A 208 1.89 18.07 -2.23
C MET A 208 1.32 18.22 -0.83
N GLY A 209 0.01 18.13 -0.72
CA GLY A 209 -0.66 18.26 0.54
C GLY A 209 -1.15 19.67 0.80
N ARG A 210 -2.42 19.88 0.51
CA ARG A 210 -3.10 21.13 0.80
C ARG A 210 -3.24 21.33 2.31
N HIS A 211 -3.94 20.40 2.95
CA HIS A 211 -4.21 20.42 4.39
C HIS A 211 -3.65 19.17 5.09
N CYS A 212 -3.38 18.12 4.31
CA CYS A 212 -2.98 16.79 4.84
C CYS A 212 -1.46 16.49 4.80
N GLY A 213 -0.84 16.41 5.96
CA GLY A 213 0.60 16.18 6.06
C GLY A 213 1.08 14.79 5.69
N TYR A 214 0.17 13.97 5.19
CA TYR A 214 0.45 12.58 4.96
C TYR A 214 1.69 12.34 4.12
N LEU A 215 1.57 12.56 2.83
CA LEU A 215 2.64 12.30 1.91
C LEU A 215 3.94 12.74 2.51
N ALA A 216 3.94 13.98 2.97
CA ALA A 216 5.13 14.64 3.46
C ALA A 216 5.79 13.89 4.58
N LEU A 217 4.97 13.31 5.45
CA LEU A 217 5.48 12.60 6.62
C LEU A 217 5.97 11.22 6.19
N VAL A 218 5.15 10.55 5.39
CA VAL A 218 5.43 9.22 4.92
C VAL A 218 6.72 9.19 4.11
N THR A 219 6.86 10.19 3.26
CA THR A 219 8.04 10.37 2.46
C THR A 219 9.28 10.58 3.33
N SER A 220 9.13 11.37 4.38
CA SER A 220 10.18 11.63 5.33
C SER A 220 10.53 10.38 6.08
N LEU A 221 9.53 9.55 6.32
CA LEU A 221 9.71 8.32 7.07
C LEU A 221 10.20 7.21 6.16
N SER A 222 10.31 7.53 4.89
CA SER A 222 10.83 6.59 3.92
C SER A 222 12.13 7.08 3.29
N CYS A 223 12.58 8.27 3.64
CA CYS A 223 13.84 8.77 3.10
C CYS A 223 14.80 9.30 4.14
N GLY A 224 14.33 9.32 5.39
CA GLY A 224 15.11 9.83 6.50
C GLY A 224 15.28 11.32 6.36
N ALA A 225 14.20 12.02 6.07
CA ALA A 225 14.22 13.46 5.96
C ALA A 225 14.84 14.04 7.20
N ASP A 226 15.73 15.00 7.03
CA ASP A 226 16.35 15.68 8.16
C ASP A 226 15.36 16.46 9.02
N TRP A 227 14.28 16.89 8.41
CA TRP A 227 13.24 17.66 9.08
C TRP A 227 12.03 17.71 8.17
N VAL A 228 10.85 17.85 8.77
CA VAL A 228 9.63 17.97 8.00
C VAL A 228 8.75 19.11 8.49
N PHE A 229 7.85 19.57 7.65
CA PHE A 229 6.86 20.54 8.05
C PHE A 229 5.52 20.02 7.61
N ILE A 230 4.59 19.92 8.53
CA ILE A 230 3.26 19.47 8.20
C ILE A 230 2.21 20.37 8.82
N PRO A 231 1.04 20.46 8.18
CA PRO A 231 -0.04 21.33 8.58
C PRO A 231 -0.61 21.05 9.97
N GLU A 232 -0.96 19.79 10.25
CA GLU A 232 -1.74 19.43 11.44
C GLU A 232 -0.99 19.61 12.77
N CYS A 233 0.33 19.72 12.68
CA CYS A 233 1.18 20.03 13.82
C CYS A 233 2.30 20.95 13.34
N PRO A 234 2.01 22.24 13.28
CA PRO A 234 3.00 23.22 12.92
C PRO A 234 4.00 23.36 14.04
N PRO A 235 5.25 23.70 13.69
CA PRO A 235 6.42 23.85 14.55
C PRO A 235 6.37 25.01 15.55
N ASP A 236 5.41 24.95 16.47
CA ASP A 236 5.19 25.94 17.54
C ASP A 236 6.52 26.47 18.14
N ASP A 237 6.69 27.80 18.15
CA ASP A 237 7.83 28.48 18.78
C ASP A 237 9.12 28.47 17.94
N ASP A 238 10.19 28.98 18.55
CA ASP A 238 11.51 29.02 17.97
C ASP A 238 11.91 27.63 17.50
N TRP A 239 11.86 27.42 16.20
CA TRP A 239 12.28 26.18 15.61
C TRP A 239 13.49 26.37 14.73
N GLU A 240 13.65 27.55 14.14
CA GLU A 240 14.69 27.78 13.13
C GLU A 240 16.06 27.47 13.67
N GLU A 241 16.30 27.86 14.92
CA GLU A 241 17.50 27.50 15.65
C GLU A 241 17.58 25.98 15.79
N HIS A 242 16.46 25.36 16.14
CA HIS A 242 16.32 23.89 16.25
C HIS A 242 16.77 23.22 14.97
N LEU A 243 16.17 23.65 13.86
CA LEU A 243 16.40 23.07 12.53
C LEU A 243 17.83 23.23 12.05
N CYS A 244 18.41 24.35 12.39
CA CYS A 244 19.76 24.70 11.99
C CYS A 244 20.79 24.32 13.04
N ARG A 245 20.36 24.28 14.29
CA ARG A 245 21.06 23.56 15.34
C ARG A 245 21.16 22.07 15.00
N ARG A 246 20.11 21.54 14.35
CA ARG A 246 20.02 20.13 13.90
C ARG A 246 20.64 19.79 12.54
N LEU A 247 20.62 20.73 11.61
CA LEU A 247 21.36 20.58 10.36
C LEU A 247 22.86 20.64 10.53
N SER A 248 23.31 21.53 11.40
CA SER A 248 24.70 21.55 11.79
C SER A 248 25.05 20.44 12.81
N GLU A 249 24.25 20.23 13.86
CA GLU A 249 24.39 19.00 14.71
C GLU A 249 24.65 17.82 13.77
N THR A 250 23.95 17.79 12.62
CA THR A 250 24.04 16.72 11.59
C THR A 250 25.23 16.84 10.68
N ARG A 251 25.73 18.04 10.53
CA ARG A 251 26.88 18.19 9.73
C ARG A 251 28.17 17.63 10.38
N THR A 252 28.42 17.89 11.68
CA THR A 252 29.63 17.37 12.46
C THR A 252 29.72 15.90 12.39
N ARG A 253 28.61 15.33 12.83
CA ARG A 253 28.46 13.94 13.05
C ARG A 253 28.96 13.29 11.77
N GLY A 254 29.15 14.12 10.75
CA GLY A 254 29.71 13.69 9.50
C GLY A 254 28.59 13.21 8.61
N SER A 255 27.98 14.14 7.91
CA SER A 255 26.90 13.84 7.01
C SER A 255 27.10 14.62 5.73
N ARG A 256 26.76 14.01 4.60
CA ARG A 256 26.85 14.69 3.30
C ARG A 256 25.65 15.59 3.00
N LEU A 257 24.52 14.97 2.69
CA LEU A 257 23.29 15.67 2.29
C LEU A 257 22.19 15.67 3.36
N ASN A 258 21.32 16.68 3.27
CA ASN A 258 20.20 16.85 4.18
C ASN A 258 18.91 16.98 3.34
N ILE A 259 17.85 16.30 3.75
CA ILE A 259 16.59 16.45 3.04
C ILE A 259 15.50 16.95 3.96
N ILE A 260 15.22 18.23 3.84
CA ILE A 260 14.14 18.86 4.56
C ILE A 260 12.90 18.71 3.71
N ILE A 261 11.93 17.94 4.17
CA ILE A 261 10.66 17.81 3.45
C ILE A 261 9.67 18.86 3.92
N VAL A 262 8.96 19.44 2.95
CA VAL A 262 8.01 20.51 3.19
C VAL A 262 6.66 20.15 2.59
N ALA A 263 5.65 20.00 3.44
CA ALA A 263 4.27 19.88 2.96
C ALA A 263 3.91 21.18 2.32
N GLU A 264 3.01 21.14 1.37
CA GLU A 264 2.60 22.37 0.74
C GLU A 264 1.87 23.26 1.74
N GLY A 265 0.90 22.69 2.42
CA GLY A 265 0.12 23.43 3.41
C GLY A 265 0.90 23.84 4.63
N ALA A 266 2.21 23.84 4.51
CA ALA A 266 3.15 24.18 5.58
C ALA A 266 2.82 25.51 6.21
N ILE A 267 2.46 25.46 7.48
CA ILE A 267 2.13 26.66 8.26
C ILE A 267 2.88 26.65 9.61
N ASP A 268 2.99 27.83 10.22
CA ASP A 268 3.63 27.97 11.53
C ASP A 268 2.59 28.11 12.63
N LYS A 269 3.07 28.04 13.87
CA LYS A 269 2.25 28.19 15.07
C LYS A 269 0.97 28.97 14.80
N ASN A 270 1.16 30.24 14.42
CA ASN A 270 0.09 31.21 14.25
C ASN A 270 -0.73 30.97 12.99
N GLY A 271 -0.04 30.61 11.92
CA GLY A 271 -0.71 30.34 10.66
C GLY A 271 -0.05 31.02 9.48
N LYS A 272 0.93 31.87 9.76
CA LYS A 272 1.72 32.51 8.72
C LYS A 272 2.60 31.44 8.09
N PRO A 273 2.16 30.93 6.92
CA PRO A 273 2.67 29.70 6.34
C PRO A 273 4.19 29.66 6.15
N ILE A 274 4.74 28.47 6.27
CA ILE A 274 6.15 28.25 6.01
C ILE A 274 6.32 28.11 4.51
N THR A 275 7.35 28.75 4.01
CA THR A 275 7.63 28.73 2.59
C THR A 275 8.93 27.98 2.35
N SER A 276 8.89 26.99 1.46
CA SER A 276 10.07 26.18 1.16
C SER A 276 11.29 27.00 0.74
N GLU A 277 11.05 28.22 0.26
CA GLU A 277 12.13 29.14 -0.11
C GLU A 277 12.63 29.86 1.12
N ASP A 278 11.70 30.38 1.91
CA ASP A 278 11.98 30.99 3.21
C ASP A 278 12.84 30.10 4.08
N ILE A 279 12.48 28.81 4.11
CA ILE A 279 13.33 27.77 4.67
C ILE A 279 14.70 27.86 3.96
N LYS A 280 14.72 27.65 2.66
CA LYS A 280 15.95 27.70 1.89
C LYS A 280 16.81 28.87 2.31
N ASN A 281 16.15 30.00 2.48
CA ASN A 281 16.82 31.20 2.88
C ASN A 281 17.43 31.02 4.26
N LEU A 282 16.58 30.76 5.25
CA LEU A 282 17.01 30.60 6.64
C LEU A 282 18.32 29.84 6.79
N VAL A 283 18.41 28.68 6.14
CA VAL A 283 19.60 27.81 6.21
C VAL A 283 20.82 28.36 5.49
N VAL A 284 20.58 29.10 4.41
CA VAL A 284 21.66 29.76 3.70
C VAL A 284 22.14 30.97 4.49
N LYS A 285 21.20 31.74 5.03
CA LYS A 285 21.53 32.89 5.86
C LYS A 285 22.02 32.47 7.22
N ARG A 286 21.42 31.43 7.80
CA ARG A 286 21.87 30.93 9.09
C ARG A 286 23.08 30.02 8.94
N LEU A 287 23.00 28.95 8.18
CA LEU A 287 24.19 28.10 8.13
C LEU A 287 25.08 28.30 6.89
N GLY A 288 24.47 28.70 5.78
CA GLY A 288 25.21 28.98 4.57
C GLY A 288 25.68 27.76 3.82
N TYR A 289 24.93 26.68 3.90
CA TYR A 289 25.19 25.51 3.07
C TYR A 289 24.64 25.86 1.69
N ASP A 290 24.99 25.06 0.67
CA ASP A 290 24.46 25.27 -0.69
C ASP A 290 23.06 24.65 -0.91
N THR A 291 22.07 25.33 -0.37
CA THR A 291 20.68 24.88 -0.38
C THR A 291 20.15 24.72 -1.80
N ARG A 292 19.11 23.90 -1.96
CA ARG A 292 18.45 23.75 -3.24
C ARG A 292 17.00 23.31 -3.13
N VAL A 293 16.09 24.25 -3.37
CA VAL A 293 14.64 24.02 -3.33
C VAL A 293 14.17 23.30 -4.59
N THR A 294 13.36 22.28 -4.42
CA THR A 294 12.65 21.59 -5.52
C THR A 294 11.18 21.53 -5.20
N VAL A 295 10.33 21.87 -6.16
CA VAL A 295 8.90 21.74 -5.94
C VAL A 295 8.32 20.74 -6.90
N LEU A 296 8.36 19.48 -6.48
CA LEU A 296 7.86 18.35 -7.25
C LEU A 296 6.63 18.69 -8.12
N GLY A 297 5.48 18.96 -7.50
CA GLY A 297 4.30 19.57 -8.15
C GLY A 297 3.79 19.05 -9.49
N HIS A 298 2.64 18.39 -9.44
CA HIS A 298 1.93 17.79 -10.61
C HIS A 298 2.64 16.65 -11.35
N VAL A 299 3.85 16.32 -10.90
CA VAL A 299 4.57 15.10 -11.34
C VAL A 299 4.39 13.98 -10.31
N GLN A 300 3.75 14.35 -9.19
CA GLN A 300 3.31 13.44 -8.11
C GLN A 300 1.99 12.79 -8.48
N ARG A 301 1.34 13.40 -9.48
CA ARG A 301 0.15 12.88 -10.14
C ARG A 301 0.49 12.11 -11.43
N GLY A 302 1.76 12.08 -11.80
CA GLY A 302 2.22 11.45 -13.04
C GLY A 302 2.60 9.98 -12.95
N GLY A 303 3.41 9.55 -13.90
CA GLY A 303 3.85 8.16 -13.99
C GLY A 303 2.77 7.11 -14.18
N THR A 304 3.10 5.90 -13.77
CA THR A 304 2.20 4.76 -13.83
C THR A 304 1.81 4.29 -12.42
N PRO A 305 0.53 3.91 -12.20
CA PRO A 305 0.08 3.49 -10.88
C PRO A 305 0.82 2.28 -10.33
N SER A 306 1.09 2.32 -9.03
CA SER A 306 1.77 1.24 -8.34
C SER A 306 0.87 0.05 -8.30
N ALA A 307 1.48 -1.12 -8.21
CA ALA A 307 0.75 -2.35 -8.06
C ALA A 307 -0.42 -2.12 -7.13
N PHE A 308 -0.14 -1.60 -5.95
CA PHE A 308 -1.18 -1.44 -4.96
C PHE A 308 -2.36 -0.65 -5.51
N ASP A 309 -2.07 0.49 -6.13
CA ASP A 309 -3.12 1.37 -6.61
C ASP A 309 -3.97 0.76 -7.72
N ARG A 310 -3.40 -0.19 -8.46
CA ARG A 310 -4.13 -0.94 -9.50
C ARG A 310 -4.98 -2.03 -8.88
N ILE A 311 -4.54 -2.48 -7.72
CA ILE A 311 -5.23 -3.47 -6.95
C ILE A 311 -6.32 -2.80 -6.16
N LEU A 312 -5.94 -1.86 -5.32
CA LEU A 312 -6.90 -1.11 -4.52
C LEU A 312 -8.08 -0.68 -5.36
N GLY A 313 -7.81 -0.10 -6.53
CA GLY A 313 -8.84 0.44 -7.45
C GLY A 313 -9.75 -0.54 -8.15
N SER A 314 -9.27 -1.77 -8.31
CA SER A 314 -10.11 -2.84 -8.75
C SER A 314 -11.06 -3.21 -7.60
N ARG A 315 -10.57 -3.14 -6.37
CA ARG A 315 -11.32 -3.54 -5.17
C ARG A 315 -12.50 -2.65 -4.84
N MET A 316 -12.24 -1.37 -4.82
CA MET A 316 -13.28 -0.41 -4.53
C MET A 316 -14.28 -0.37 -5.65
N GLY A 317 -13.78 -0.51 -6.87
CA GLY A 317 -14.58 -0.41 -8.08
C GLY A 317 -15.55 -1.56 -8.22
N VAL A 318 -15.24 -2.64 -7.49
CA VAL A 318 -16.12 -3.79 -7.32
C VAL A 318 -17.06 -3.50 -6.15
N GLU A 319 -16.51 -2.86 -5.14
CA GLU A 319 -17.28 -2.51 -3.96
C GLU A 319 -18.37 -1.50 -4.28
N ALA A 320 -18.01 -0.47 -5.02
CA ALA A 320 -18.97 0.49 -5.55
C ALA A 320 -20.14 -0.19 -6.26
N VAL A 321 -19.84 -0.95 -7.32
CA VAL A 321 -20.85 -1.70 -8.09
C VAL A 321 -21.79 -2.43 -7.16
N MET A 322 -21.21 -3.18 -6.24
CA MET A 322 -21.96 -3.90 -5.24
C MET A 322 -22.90 -2.97 -4.52
N ALA A 323 -22.35 -1.86 -4.07
CA ALA A 323 -23.07 -0.92 -3.23
C ALA A 323 -24.16 -0.18 -3.96
N LEU A 324 -23.97 0.01 -5.26
CA LEU A 324 -24.98 0.61 -6.10
C LEU A 324 -26.20 -0.31 -6.20
N LEU A 325 -25.97 -1.54 -6.66
CA LEU A 325 -27.04 -2.52 -6.93
C LEU A 325 -27.71 -3.06 -5.67
N GLU A 326 -27.06 -2.87 -4.54
CA GLU A 326 -27.61 -3.22 -3.24
C GLU A 326 -28.07 -1.96 -2.53
N GLY A 327 -28.56 -1.00 -3.31
CA GLY A 327 -29.08 0.24 -2.80
C GLY A 327 -30.59 0.31 -2.82
N THR A 328 -31.17 0.58 -1.65
CA THR A 328 -32.61 0.78 -1.49
C THR A 328 -32.96 2.26 -1.27
N PRO A 329 -34.21 2.66 -1.57
CA PRO A 329 -34.68 4.01 -1.29
C PRO A 329 -34.26 4.48 0.11
N ASP A 330 -34.32 3.53 1.05
CA ASP A 330 -34.07 3.79 2.45
C ASP A 330 -32.57 3.86 2.80
N THR A 331 -31.73 3.24 1.98
CA THR A 331 -30.29 3.23 2.19
C THR A 331 -29.71 4.63 1.92
N PRO A 332 -28.85 5.11 2.84
CA PRO A 332 -28.15 6.39 2.67
C PRO A 332 -27.07 6.40 1.58
N ALA A 333 -26.45 7.57 1.39
CA ALA A 333 -25.39 7.77 0.41
C ALA A 333 -24.15 7.00 0.81
N CYS A 334 -23.43 6.48 -0.17
CA CYS A 334 -22.44 5.45 0.05
C CYS A 334 -21.02 5.85 -0.36
N VAL A 335 -20.02 5.63 0.49
CA VAL A 335 -18.59 5.84 0.18
C VAL A 335 -17.71 4.63 0.44
N VAL A 336 -17.45 3.87 -0.61
CA VAL A 336 -16.63 2.66 -0.51
C VAL A 336 -15.20 3.03 -0.16
N SER A 337 -14.63 2.29 0.78
CA SER A 337 -13.27 2.57 1.23
C SER A 337 -12.65 1.56 2.20
N LEU A 338 -11.37 1.32 1.96
CA LEU A 338 -10.59 0.33 2.68
C LEU A 338 -10.60 0.62 4.16
N SER A 339 -10.42 -0.42 4.96
CA SER A 339 -10.20 -0.25 6.40
C SER A 339 -9.84 -1.57 7.08
N GLY A 340 -8.59 -1.66 7.50
CA GLY A 340 -8.01 -2.86 8.10
C GLY A 340 -7.61 -3.90 7.07
N ASN A 341 -7.70 -3.49 5.81
CA ASN A 341 -7.53 -4.36 4.65
C ASN A 341 -8.83 -5.01 4.08
N GLN A 342 -10.00 -4.52 4.51
CA GLN A 342 -11.32 -5.00 4.05
C GLN A 342 -12.16 -3.91 3.44
N ALA A 343 -12.81 -4.22 2.34
CA ALA A 343 -13.80 -3.34 1.73
C ALA A 343 -14.96 -3.03 2.70
N VAL A 344 -15.24 -1.75 2.88
CA VAL A 344 -16.36 -1.28 3.71
C VAL A 344 -17.17 -0.17 3.04
N ARG A 345 -18.48 -0.24 3.19
CA ARG A 345 -19.34 0.85 2.76
C ARG A 345 -19.49 1.80 3.94
N LEU A 346 -19.06 3.05 3.75
CA LEU A 346 -19.16 4.06 4.79
C LEU A 346 -20.11 5.18 4.42
N PRO A 347 -20.97 5.58 5.36
CA PRO A 347 -21.94 6.63 5.08
C PRO A 347 -21.21 7.83 4.49
N LEU A 348 -21.75 8.36 3.40
CA LEU A 348 -21.13 9.43 2.67
C LEU A 348 -21.08 10.72 3.48
N MET A 349 -22.22 11.11 4.01
CA MET A 349 -22.39 12.38 4.74
C MET A 349 -21.53 12.49 5.99
N GLU A 350 -21.44 11.42 6.76
CA GLU A 350 -20.57 11.36 7.94
C GLU A 350 -19.11 11.49 7.53
N CYS A 351 -18.70 10.65 6.58
CA CYS A 351 -17.36 10.69 5.97
C CYS A 351 -17.02 12.13 5.61
N VAL A 352 -17.96 12.80 4.95
CA VAL A 352 -17.82 14.19 4.54
C VAL A 352 -17.81 15.12 5.74
N GLN A 353 -18.89 15.08 6.50
CA GLN A 353 -19.08 15.92 7.67
C GLN A 353 -17.89 15.87 8.63
N VAL A 354 -17.22 14.73 8.67
CA VAL A 354 -16.06 14.54 9.52
C VAL A 354 -14.75 14.92 8.80
N THR A 355 -14.57 14.54 7.54
CA THR A 355 -13.38 14.90 6.75
C THR A 355 -13.25 16.42 6.58
N LYS A 356 -14.27 17.13 7.06
CA LYS A 356 -14.31 18.59 7.06
C LYS A 356 -14.11 19.17 8.47
N ASP A 357 -14.46 18.40 9.50
CA ASP A 357 -14.21 18.79 10.88
C ASP A 357 -12.75 19.06 11.12
N VAL A 358 -11.88 18.26 10.52
CA VAL A 358 -10.43 18.41 10.58
C VAL A 358 -10.00 19.79 10.09
N THR A 359 -10.49 20.20 8.91
CA THR A 359 -10.17 21.52 8.32
C THR A 359 -10.47 22.60 9.33
N LYS A 360 -11.65 22.53 9.94
CA LYS A 360 -12.08 23.49 10.95
C LYS A 360 -11.24 23.39 12.22
N ALA A 361 -11.05 22.17 12.70
CA ALA A 361 -10.22 21.91 13.86
C ALA A 361 -8.81 22.47 13.67
N MET A 362 -8.33 22.53 12.43
CA MET A 362 -7.01 23.09 12.10
C MET A 362 -7.03 24.62 11.90
N ASP A 363 -8.18 25.15 11.46
CA ASP A 363 -8.36 26.59 11.22
C ASP A 363 -8.24 27.38 12.52
N GLU A 364 -8.89 26.89 13.56
CA GLU A 364 -8.60 27.35 14.92
C GLU A 364 -7.31 26.69 15.34
N LYS A 365 -6.58 27.34 16.23
CA LYS A 365 -5.24 26.90 16.66
C LYS A 365 -5.18 25.59 17.48
N LYS A 366 -6.26 24.80 17.46
CA LYS A 366 -6.34 23.51 18.17
C LYS A 366 -5.72 22.34 17.39
N PHE A 367 -4.39 22.36 17.22
CA PHE A 367 -3.65 21.39 16.40
C PHE A 367 -3.53 20.01 17.04
N ASP A 368 -3.82 19.96 18.32
CA ASP A 368 -3.94 18.74 19.08
C ASP A 368 -5.18 17.97 18.61
N GLU A 369 -6.29 18.69 18.50
CA GLU A 369 -7.53 18.16 17.92
C GLU A 369 -7.37 17.75 16.43
N ALA A 370 -6.56 18.48 15.67
CA ALA A 370 -6.27 18.16 14.26
C ALA A 370 -5.50 16.87 14.15
N LEU A 371 -4.39 16.82 14.88
CA LEU A 371 -3.61 15.61 15.03
C LEU A 371 -4.44 14.41 15.42
N LYS A 372 -5.38 14.63 16.33
CA LYS A 372 -6.23 13.55 16.79
C LYS A 372 -7.25 13.09 15.76
N LEU A 373 -7.95 14.03 15.12
CA LEU A 373 -8.98 13.70 14.11
C LEU A 373 -8.36 12.93 12.93
N ARG A 374 -7.11 13.24 12.63
CA ARG A 374 -6.33 12.44 11.71
C ARG A 374 -5.94 11.17 12.46
N GLY A 375 -5.10 11.34 13.48
CA GLY A 375 -4.86 10.34 14.52
C GLY A 375 -4.37 8.98 14.13
N ARG A 376 -4.57 8.03 15.05
CA ARG A 376 -4.17 6.63 14.91
C ARG A 376 -2.75 6.52 14.39
N SER A 377 -2.64 5.80 13.28
CA SER A 377 -1.41 5.59 12.54
C SER A 377 -0.68 6.90 12.26
N PHE A 378 -1.41 7.90 11.78
CA PHE A 378 -0.82 9.19 11.47
C PHE A 378 -0.05 9.72 12.67
N MET A 379 -0.67 9.65 13.83
CA MET A 379 -0.05 10.13 15.04
C MET A 379 1.20 9.35 15.34
N ASN A 380 1.17 8.05 15.08
CA ASN A 380 2.32 7.16 15.26
C ASN A 380 3.47 7.54 14.33
N ASN A 381 3.21 7.47 13.03
CA ASN A 381 4.21 7.84 12.02
C ASN A 381 4.99 9.06 12.47
N TRP A 382 4.24 10.10 12.81
CA TRP A 382 4.78 11.31 13.35
C TRP A 382 5.73 10.96 14.48
N GLU A 383 5.19 10.47 15.59
CA GLU A 383 6.01 10.11 16.73
C GLU A 383 7.27 9.34 16.29
N VAL A 384 7.05 8.25 15.56
CA VAL A 384 8.12 7.34 15.14
C VAL A 384 9.15 8.07 14.29
N TYR A 385 8.68 8.76 13.26
CA TYR A 385 9.57 9.49 12.41
C TYR A 385 10.54 10.30 13.25
N LYS A 386 10.00 11.20 14.05
CA LYS A 386 10.78 12.13 14.87
C LYS A 386 11.81 11.33 15.57
N LEU A 387 11.33 10.31 16.25
CA LEU A 387 12.16 9.48 17.09
C LEU A 387 13.28 8.77 16.30
N LEU A 388 13.01 8.45 15.04
CA LEU A 388 14.02 7.88 14.15
C LEU A 388 14.76 8.97 13.42
N ALA A 389 14.26 10.19 13.53
CA ALA A 389 14.84 11.35 12.90
C ALA A 389 15.85 12.04 13.80
N HIS A 390 15.79 11.77 15.10
CA HIS A 390 16.70 12.38 16.06
C HIS A 390 18.17 12.40 15.62
N VAL A 391 18.95 13.12 16.40
CA VAL A 391 20.37 13.24 16.20
C VAL A 391 21.17 12.59 17.34
N ARG A 392 20.46 12.29 18.44
CA ARG A 392 20.99 11.91 19.78
C ARG A 392 22.10 10.83 19.90
N PRO A 393 21.78 9.62 20.41
CA PRO A 393 20.69 9.14 21.27
C PRO A 393 20.94 9.51 22.76
N PRO A 394 20.06 9.07 23.72
CA PRO A 394 20.37 9.20 25.16
C PRO A 394 21.63 8.52 25.65
N VAL A 395 21.55 8.92 27.19
CA VAL A 395 22.66 8.44 27.99
C VAL A 395 22.39 7.02 28.50
N SER A 396 23.49 6.29 28.80
CA SER A 396 23.63 4.85 28.97
C SER A 396 23.70 4.26 30.37
N LYS A 397 22.75 3.40 30.67
CA LYS A 397 22.68 2.80 31.97
C LYS A 397 23.43 1.45 31.91
N SER A 398 23.28 0.63 32.96
CA SER A 398 23.86 -0.74 33.04
C SER A 398 22.82 -1.82 33.36
N GLY A 399 21.80 -1.45 34.13
CA GLY A 399 20.63 -2.30 34.35
C GLY A 399 19.71 -2.33 33.14
N SER A 400 20.24 -1.89 32.00
CA SER A 400 19.52 -1.96 30.73
C SER A 400 19.54 -3.38 30.17
N HIS A 401 18.38 -3.82 29.70
CA HIS A 401 18.27 -5.09 29.02
C HIS A 401 18.89 -4.96 27.64
N THR A 402 19.51 -6.04 27.18
CA THR A 402 20.22 -6.03 25.91
C THR A 402 19.53 -6.92 24.87
N VAL A 403 19.18 -6.30 23.76
CA VAL A 403 18.39 -6.96 22.75
C VAL A 403 19.25 -7.27 21.55
N ALA A 404 18.87 -8.32 20.85
CA ALA A 404 19.51 -8.65 19.62
C ALA A 404 18.52 -8.66 18.50
N VAL A 405 19.02 -8.32 17.33
CA VAL A 405 18.24 -8.27 16.14
C VAL A 405 19.00 -9.02 15.05
N MET A 406 18.25 -9.72 14.21
CA MET A 406 18.82 -10.64 13.24
C MET A 406 17.96 -10.76 11.99
N ASN A 407 18.57 -11.25 10.92
CA ASN A 407 17.86 -11.57 9.68
C ASN A 407 17.96 -13.06 9.35
N VAL A 408 16.81 -13.71 9.20
CA VAL A 408 16.77 -15.13 8.87
C VAL A 408 15.89 -15.39 7.65
N GLY A 409 16.42 -16.18 6.72
CA GLY A 409 15.68 -16.53 5.52
C GLY A 409 16.22 -15.88 4.27
N ALA A 410 15.39 -15.81 3.25
CA ALA A 410 15.75 -15.14 2.03
C ALA A 410 15.65 -13.66 2.31
N PRO A 411 16.62 -12.88 1.82
CA PRO A 411 16.59 -11.42 1.96
C PRO A 411 15.32 -10.79 1.42
N ALA A 412 15.05 -9.57 1.84
CA ALA A 412 13.91 -8.83 1.34
C ALA A 412 14.14 -7.35 1.46
N ALA A 413 13.51 -6.63 0.55
CA ALA A 413 13.47 -5.21 0.66
C ALA A 413 12.78 -4.87 1.98
N GLY A 414 13.50 -4.13 2.82
CA GLY A 414 12.95 -3.62 4.06
C GLY A 414 13.61 -4.18 5.28
N MET A 415 14.38 -5.23 5.07
CA MET A 415 15.10 -5.86 6.14
C MET A 415 15.86 -4.82 6.90
N ASN A 416 16.65 -4.06 6.15
CA ASN A 416 17.43 -3.00 6.72
C ASN A 416 16.59 -1.93 7.44
N ALA A 417 15.41 -1.65 6.90
CA ALA A 417 14.50 -0.64 7.47
C ALA A 417 14.00 -1.04 8.84
N ALA A 418 13.62 -2.31 8.95
CA ALA A 418 13.27 -2.90 10.21
C ALA A 418 14.45 -2.72 11.12
N VAL A 419 15.50 -3.48 10.84
CA VAL A 419 16.73 -3.41 11.57
C VAL A 419 16.89 -2.01 12.10
N ARG A 420 16.82 -1.04 11.21
CA ARG A 420 17.02 0.33 11.58
C ARG A 420 16.16 0.72 12.76
N SER A 421 14.86 0.61 12.60
CA SER A 421 13.92 1.01 13.63
C SER A 421 14.03 0.22 14.93
N THR A 422 14.32 -1.06 14.82
CA THR A 422 14.42 -1.90 16.00
C THR A 422 15.49 -1.38 16.92
N VAL A 423 16.70 -1.26 16.39
CA VAL A 423 17.83 -0.78 17.15
C VAL A 423 17.51 0.58 17.73
N ARG A 424 17.26 1.54 16.84
CA ARG A 424 17.00 2.89 17.23
C ARG A 424 16.01 2.84 18.38
N ILE A 425 14.78 2.49 18.07
CA ILE A 425 13.77 2.38 19.09
C ILE A 425 14.39 1.71 20.30
N GLY A 426 15.06 0.60 20.06
CA GLY A 426 15.74 -0.12 21.11
C GLY A 426 16.53 0.83 21.94
N LEU A 427 17.58 1.36 21.36
CA LEU A 427 18.44 2.26 22.07
C LEU A 427 17.71 3.42 22.75
N ILE A 428 16.57 3.83 22.18
CA ILE A 428 15.84 5.03 22.67
C ILE A 428 15.10 4.76 23.95
N GLN A 429 14.89 3.49 24.19
CA GLN A 429 14.42 3.08 25.47
C GLN A 429 15.56 3.10 26.49
N GLY A 430 16.79 3.29 26.02
CA GLY A 430 17.97 3.19 26.90
C GLY A 430 18.45 1.76 27.10
N ASN A 431 17.97 0.87 26.22
CA ASN A 431 18.35 -0.56 26.17
C ASN A 431 19.56 -0.77 25.27
N ARG A 432 20.20 -1.93 25.41
CA ARG A 432 21.29 -2.26 24.52
C ARG A 432 20.81 -3.16 23.39
N VAL A 433 21.32 -2.87 22.20
CA VAL A 433 20.96 -3.61 21.00
C VAL A 433 22.18 -4.28 20.41
N LEU A 434 22.14 -5.59 20.34
CA LEU A 434 23.15 -6.30 19.61
C LEU A 434 22.62 -6.64 18.27
N VAL A 435 23.55 -6.81 17.35
CA VAL A 435 23.21 -7.05 15.99
C VAL A 435 23.88 -8.34 15.58
N VAL A 436 23.18 -9.12 14.78
CA VAL A 436 23.64 -10.43 14.43
C VAL A 436 23.81 -10.59 12.93
N HIS A 437 24.99 -11.02 12.55
CA HIS A 437 25.30 -11.25 11.16
C HIS A 437 24.94 -12.68 10.79
N ASP A 438 24.16 -12.82 9.72
CA ASP A 438 23.85 -14.11 9.10
C ASP A 438 22.91 -15.00 9.93
N GLY A 439 21.67 -14.58 10.10
CA GLY A 439 20.65 -15.41 10.74
C GLY A 439 21.09 -16.16 11.99
N PHE A 440 20.70 -17.42 12.09
CA PHE A 440 21.02 -18.24 13.26
C PHE A 440 22.45 -18.72 13.31
N GLU A 441 23.07 -18.80 12.15
CA GLU A 441 24.51 -18.94 12.05
C GLU A 441 25.11 -17.73 12.74
N GLY A 442 24.26 -16.88 13.30
CA GLY A 442 24.66 -15.65 13.96
C GLY A 442 24.91 -15.76 15.45
N LEU A 443 23.86 -16.09 16.23
CA LEU A 443 24.14 -16.32 17.63
C LEU A 443 25.18 -17.41 17.73
N ALA A 444 25.07 -18.39 16.84
CA ALA A 444 25.95 -19.57 16.78
C ALA A 444 27.45 -19.29 16.78
N LYS A 445 28.00 -19.03 15.59
CA LYS A 445 29.44 -18.74 15.43
C LYS A 445 29.89 -17.67 16.43
N GLY A 446 29.04 -16.67 16.66
CA GLY A 446 29.33 -15.57 17.57
C GLY A 446 29.52 -14.21 16.93
N GLN A 447 29.21 -14.10 15.65
CA GLN A 447 29.30 -12.83 14.90
C GLN A 447 28.27 -11.88 15.42
N ILE A 448 28.52 -11.37 16.60
CA ILE A 448 27.59 -10.48 17.24
C ILE A 448 28.31 -9.19 17.63
N GLU A 449 27.77 -8.07 17.18
CA GLU A 449 28.28 -6.74 17.48
C GLU A 449 27.26 -5.95 18.26
N GLU A 450 27.75 -4.90 18.89
CA GLU A 450 26.89 -3.95 19.53
C GLU A 450 26.56 -2.85 18.54
N ALA A 451 25.29 -2.45 18.51
CA ALA A 451 24.84 -1.41 17.58
C ALA A 451 24.68 -0.03 18.24
N GLY A 452 25.49 0.93 17.80
CA GLY A 452 25.38 2.32 18.21
C GLY A 452 24.42 3.03 17.27
N TRP A 453 23.80 4.10 17.74
CA TRP A 453 22.73 4.79 17.02
C TRP A 453 23.02 4.94 15.54
N SER A 454 24.30 5.15 15.24
CA SER A 454 24.79 5.34 13.88
C SER A 454 24.75 4.06 13.03
N TYR A 455 25.04 2.93 13.65
CA TYR A 455 25.13 1.64 12.94
C TYR A 455 24.06 1.44 11.89
N VAL A 456 22.87 1.96 12.14
CA VAL A 456 21.75 1.84 11.21
C VAL A 456 21.51 3.10 10.38
N GLY A 457 22.39 4.07 10.51
CA GLY A 457 22.26 5.34 9.81
C GLY A 457 22.02 5.19 8.32
N GLY A 458 20.87 5.69 7.88
CA GLY A 458 20.49 5.71 6.47
C GLY A 458 20.46 4.35 5.82
N TRP A 459 19.62 3.48 6.37
CA TRP A 459 19.50 2.12 5.90
C TRP A 459 18.10 1.97 5.37
N THR A 460 17.24 2.74 5.99
CA THR A 460 15.83 2.80 5.73
C THR A 460 15.53 2.57 4.25
N GLY A 461 16.35 3.16 3.39
CA GLY A 461 16.20 3.02 1.95
C GLY A 461 16.94 1.88 1.31
N GLN A 462 18.02 1.44 1.94
CA GLN A 462 18.85 0.40 1.37
C GLN A 462 18.12 -0.92 1.30
N GLY A 463 18.27 -1.57 0.15
CA GLY A 463 17.68 -2.87 -0.10
C GLY A 463 18.65 -4.01 0.14
N GLY A 464 18.09 -5.22 0.26
CA GLY A 464 18.85 -6.40 0.63
C GLY A 464 18.90 -6.57 2.14
N SER A 465 19.99 -7.18 2.62
CA SER A 465 20.20 -7.34 4.04
C SER A 465 21.60 -6.93 4.44
N LYS A 466 21.69 -5.90 5.27
CA LYS A 466 22.98 -5.33 5.67
C LYS A 466 23.68 -6.14 6.73
N LEU A 467 22.92 -6.92 7.46
CA LEU A 467 23.51 -7.76 8.48
C LEU A 467 23.86 -9.11 7.93
N GLY A 468 23.17 -9.50 6.88
CA GLY A 468 23.30 -10.84 6.34
C GLY A 468 22.22 -11.73 6.90
N THR A 469 21.54 -12.43 6.01
CA THR A 469 20.47 -13.34 6.39
C THR A 469 20.67 -14.73 5.81
N LYS A 470 20.59 -15.72 6.68
CA LYS A 470 20.71 -17.09 6.25
C LYS A 470 19.52 -17.87 6.77
N ARG A 471 19.16 -18.88 6.00
CA ARG A 471 17.96 -19.64 6.21
C ARG A 471 18.12 -20.63 7.35
N THR A 472 19.34 -21.11 7.52
CA THR A 472 19.66 -22.13 8.51
C THR A 472 18.92 -21.98 9.85
N LEU A 473 18.61 -23.11 10.49
CA LEU A 473 17.77 -23.20 11.69
C LEU A 473 18.53 -23.43 12.99
N PRO A 474 18.00 -22.90 14.11
CA PRO A 474 18.75 -22.89 15.36
C PRO A 474 18.99 -24.24 16.06
N LYS A 475 18.06 -25.19 15.94
CA LYS A 475 18.07 -26.39 16.78
C LYS A 475 19.37 -27.14 16.80
N LYS A 476 19.77 -27.57 15.61
CA LYS A 476 20.93 -28.41 15.42
C LYS A 476 22.17 -27.83 16.09
N SER A 477 22.04 -26.64 16.65
CA SER A 477 23.16 -25.96 17.24
C SER A 477 22.75 -25.18 18.47
N PHE A 478 21.71 -25.65 19.13
CA PHE A 478 21.24 -24.99 20.32
C PHE A 478 22.34 -24.72 21.34
N GLU A 479 23.22 -25.70 21.50
CA GLU A 479 24.34 -25.62 22.45
C GLU A 479 25.14 -24.33 22.26
N GLN A 480 25.68 -24.13 21.06
CA GLN A 480 26.50 -22.95 20.74
C GLN A 480 25.74 -21.64 20.95
N ILE A 481 24.44 -21.61 20.60
CA ILE A 481 23.64 -20.37 20.68
C ILE A 481 23.22 -20.05 22.09
N SER A 482 22.81 -21.06 22.83
CA SER A 482 22.56 -20.89 24.22
C SER A 482 23.82 -20.38 24.89
N ALA A 483 24.96 -21.00 24.55
CA ALA A 483 26.27 -20.60 25.05
C ALA A 483 26.60 -19.14 24.78
N ASN A 484 26.20 -18.66 23.61
CA ASN A 484 26.40 -17.27 23.22
C ASN A 484 25.40 -16.31 23.90
N ILE A 485 24.14 -16.73 24.06
CA ILE A 485 23.13 -15.85 24.68
C ILE A 485 23.57 -15.43 26.06
N THR A 486 24.30 -16.33 26.69
CA THR A 486 24.83 -16.11 28.01
C THR A 486 26.05 -15.21 27.90
N LYS A 487 26.99 -15.56 27.03
CA LYS A 487 28.24 -14.81 26.91
C LYS A 487 28.03 -13.33 26.56
N PHE A 488 27.27 -13.04 25.50
CA PHE A 488 26.96 -11.66 25.09
C PHE A 488 25.82 -11.10 25.93
N ASN A 489 25.19 -11.97 26.70
CA ASN A 489 24.12 -11.60 27.64
C ASN A 489 22.84 -11.22 26.92
N ILE A 490 22.54 -11.93 25.85
CA ILE A 490 21.35 -11.63 25.09
C ILE A 490 20.13 -11.95 25.91
N GLN A 491 19.11 -11.14 25.76
CA GLN A 491 17.98 -11.18 26.65
C GLN A 491 16.67 -11.19 25.91
N GLY A 492 16.76 -11.06 24.59
CA GLY A 492 15.58 -11.04 23.75
C GLY A 492 15.98 -11.06 22.29
N LEU A 493 15.14 -11.69 21.48
CA LEU A 493 15.41 -11.81 20.06
C LEU A 493 14.42 -11.05 19.23
N VAL A 494 14.90 -10.44 18.18
CA VAL A 494 14.01 -9.88 17.21
C VAL A 494 14.41 -10.45 15.89
N ILE A 495 13.52 -11.23 15.30
CA ILE A 495 13.82 -11.93 14.06
C ILE A 495 13.04 -11.39 12.88
N ILE A 496 13.77 -10.70 12.02
CA ILE A 496 13.25 -10.20 10.77
C ILE A 496 13.53 -11.27 9.73
N GLY A 497 12.53 -11.68 8.99
CA GLY A 497 12.74 -12.65 7.92
C GLY A 497 11.52 -13.39 7.43
N GLY A 498 11.77 -14.45 6.66
CA GLY A 498 10.73 -15.28 6.06
C GLY A 498 10.27 -16.45 6.90
N PHE A 499 9.73 -17.47 6.24
CA PHE A 499 9.11 -18.61 6.91
C PHE A 499 10.00 -19.26 7.96
N GLU A 500 11.28 -19.39 7.67
CA GLU A 500 12.21 -20.01 8.61
C GLU A 500 12.54 -19.14 9.80
N ALA A 501 12.04 -17.91 9.83
CA ALA A 501 12.07 -17.14 11.05
C ALA A 501 10.92 -17.62 11.93
N TYR A 502 9.75 -17.75 11.34
CA TYR A 502 8.59 -18.32 12.02
C TYR A 502 8.89 -19.74 12.44
N THR A 503 9.36 -20.52 11.48
CA THR A 503 9.78 -21.89 11.72
C THR A 503 10.83 -21.86 12.79
N GLY A 504 11.91 -21.15 12.52
CA GLY A 504 13.02 -21.05 13.44
C GLY A 504 12.56 -20.59 14.80
N GLY A 505 11.46 -19.84 14.79
CA GLY A 505 10.84 -19.39 16.00
C GLY A 505 10.28 -20.57 16.75
N LEU A 506 9.47 -21.35 16.06
CA LEU A 506 8.88 -22.55 16.63
C LEU A 506 9.92 -23.49 17.16
N GLU A 507 11.03 -23.56 16.43
CA GLU A 507 12.20 -24.30 16.87
C GLU A 507 12.72 -23.78 18.20
N LEU A 508 12.73 -22.45 18.38
CA LEU A 508 13.16 -21.83 19.63
C LEU A 508 12.33 -22.24 20.82
N MET A 509 11.01 -22.28 20.64
CA MET A 509 10.08 -22.69 21.68
C MET A 509 10.45 -24.04 22.27
N GLU A 510 10.70 -25.01 21.41
CA GLU A 510 11.10 -26.35 21.81
C GLU A 510 12.40 -26.33 22.63
N GLY A 511 13.34 -25.51 22.22
CA GLY A 511 14.59 -25.32 22.94
C GLY A 511 14.43 -24.93 24.39
N ARG A 512 13.34 -24.24 24.69
CA ARG A 512 13.04 -23.82 26.05
C ARG A 512 12.92 -24.99 27.01
N LYS A 513 12.37 -26.10 26.52
CA LYS A 513 12.23 -27.30 27.33
C LYS A 513 13.57 -27.87 27.78
N GLN A 514 14.55 -27.84 26.88
CA GLN A 514 15.87 -28.47 27.11
C GLN A 514 16.95 -27.47 27.57
N PHE A 515 16.66 -26.20 27.42
CA PHE A 515 17.63 -25.17 27.74
C PHE A 515 16.90 -24.07 28.47
N ASP A 516 17.57 -23.46 29.45
CA ASP A 516 16.98 -22.37 30.23
C ASP A 516 17.36 -20.97 29.74
N GLU A 517 18.31 -20.92 28.81
CA GLU A 517 18.79 -19.68 28.21
C GLU A 517 17.81 -19.14 27.15
N LEU A 518 17.38 -20.02 26.25
CA LEU A 518 16.44 -19.68 25.17
C LEU A 518 15.04 -19.36 25.72
N CYS A 519 14.92 -19.43 27.04
CA CYS A 519 13.70 -19.06 27.72
C CYS A 519 13.62 -17.57 27.76
N ILE A 520 14.01 -16.93 26.68
CA ILE A 520 13.87 -15.48 26.55
C ILE A 520 12.70 -15.22 25.63
N PRO A 521 12.26 -13.97 25.54
CA PRO A 521 11.21 -13.69 24.60
C PRO A 521 11.79 -13.43 23.23
N PHE A 522 10.99 -13.61 22.21
CA PHE A 522 11.35 -13.28 20.83
C PHE A 522 10.18 -12.70 19.99
N VAL A 523 10.50 -11.87 18.99
CA VAL A 523 9.51 -11.39 18.01
C VAL A 523 9.92 -11.65 16.59
N VAL A 524 9.05 -12.30 15.84
CA VAL A 524 9.32 -12.43 14.45
C VAL A 524 8.57 -11.37 13.71
N ILE A 525 9.36 -10.62 12.97
CA ILE A 525 8.84 -9.68 12.04
C ILE A 525 8.98 -10.30 10.67
N PRO A 526 7.84 -10.42 9.97
CA PRO A 526 7.73 -11.04 8.68
C PRO A 526 8.39 -10.23 7.60
N ALA A 527 9.47 -10.80 7.07
CA ALA A 527 10.19 -10.19 5.97
C ALA A 527 10.49 -11.24 4.92
N THR A 528 9.55 -11.41 4.01
CA THR A 528 9.76 -12.27 2.87
C THR A 528 9.07 -11.72 1.64
N VAL A 529 9.73 -11.95 0.53
CA VAL A 529 9.24 -11.59 -0.77
C VAL A 529 7.92 -12.29 -1.04
N SER A 530 7.79 -13.53 -0.59
CA SER A 530 6.70 -14.42 -0.98
C SER A 530 5.35 -14.13 -0.33
N ASN A 531 5.36 -13.44 0.81
CA ASN A 531 4.18 -13.24 1.64
C ASN A 531 3.54 -14.55 2.08
N ASN A 532 4.38 -15.44 2.56
CA ASN A 532 4.01 -16.81 2.91
C ASN A 532 3.99 -17.06 4.42
N VAL A 533 4.37 -16.04 5.18
CA VAL A 533 4.47 -16.14 6.62
C VAL A 533 3.11 -16.11 7.26
N PRO A 534 2.80 -17.12 8.08
CA PRO A 534 1.50 -17.17 8.71
C PRO A 534 1.31 -15.98 9.63
N GLY A 535 0.07 -15.73 9.99
CA GLY A 535 -0.24 -14.70 10.95
C GLY A 535 0.24 -13.33 10.53
N SER A 536 0.06 -13.04 9.25
CA SER A 536 0.16 -11.68 8.73
C SER A 536 -0.39 -11.64 7.33
N ASP A 537 -1.22 -10.63 7.05
CA ASP A 537 -1.78 -10.45 5.72
C ASP A 537 -0.63 -10.16 4.74
N PHE A 538 0.29 -9.29 5.14
CA PHE A 538 1.44 -8.92 4.33
C PHE A 538 2.72 -9.33 4.97
N SER A 539 3.78 -9.15 4.21
CA SER A 539 5.12 -9.33 4.68
C SER A 539 5.97 -8.27 4.03
N VAL A 540 7.08 -7.92 4.66
CA VAL A 540 7.95 -6.88 4.14
C VAL A 540 8.70 -7.43 2.95
N GLY A 541 8.73 -6.65 1.88
CA GLY A 541 9.45 -7.03 0.67
C GLY A 541 8.53 -7.50 -0.44
N ALA A 542 7.29 -7.76 -0.05
CA ALA A 542 6.25 -8.22 -0.97
C ALA A 542 6.00 -7.16 -2.03
N ASP A 543 5.48 -6.02 -1.57
CA ASP A 543 5.19 -4.89 -2.43
C ASP A 543 6.33 -4.62 -3.41
N THR A 544 7.55 -4.67 -2.92
CA THR A 544 8.72 -4.43 -3.76
C THR A 544 8.88 -5.48 -4.84
N ALA A 545 8.76 -6.75 -4.48
CA ALA A 545 8.84 -7.82 -5.44
C ALA A 545 7.70 -7.74 -6.42
N LEU A 546 6.51 -7.47 -5.89
CA LEU A 546 5.29 -7.39 -6.66
C LEU A 546 5.34 -6.26 -7.67
N ASN A 547 5.74 -5.08 -7.22
CA ASN A 547 6.00 -3.93 -8.11
C ASN A 547 7.03 -4.28 -9.18
N THR A 548 7.99 -5.15 -8.83
CA THR A 548 9.01 -5.66 -9.75
C THR A 548 8.37 -6.47 -10.85
N ILE A 549 7.63 -7.48 -10.45
CA ILE A 549 6.98 -8.37 -11.38
C ILE A 549 6.00 -7.60 -12.24
N CYS A 550 5.07 -6.90 -11.60
CA CYS A 550 4.14 -6.00 -12.28
C CYS A 550 4.78 -5.08 -13.33
N THR A 551 5.96 -4.53 -13.04
CA THR A 551 6.68 -3.66 -13.99
C THR A 551 7.13 -4.41 -15.22
N THR A 552 7.93 -5.46 -15.03
CA THR A 552 8.46 -6.25 -16.14
C THR A 552 7.35 -6.94 -16.91
N CYS A 553 6.23 -7.18 -16.25
CA CYS A 553 5.05 -7.70 -16.95
C CYS A 553 4.58 -6.71 -18.01
N ASP A 554 4.59 -5.43 -17.68
CA ASP A 554 4.19 -4.34 -18.59
C ASP A 554 5.21 -4.07 -19.70
N ARG A 555 6.49 -4.20 -19.34
CA ARG A 555 7.63 -4.01 -20.26
C ARG A 555 7.77 -5.20 -21.22
N ILE A 556 7.25 -6.36 -20.80
CA ILE A 556 7.18 -7.58 -21.64
C ILE A 556 5.94 -7.54 -22.54
N LYS A 557 4.99 -6.70 -22.16
CA LYS A 557 3.78 -6.44 -22.94
C LYS A 557 4.04 -5.53 -24.14
N GLN A 558 5.18 -5.73 -24.79
CA GLN A 558 5.65 -4.91 -25.90
C GLN A 558 6.37 -5.76 -26.96
N SER A 559 7.57 -6.24 -26.61
CA SER A 559 8.43 -7.12 -27.43
C SER A 559 8.51 -6.78 -28.93
N ALA A 560 9.74 -6.83 -29.46
CA ALA A 560 10.01 -6.52 -30.86
C ALA A 560 9.48 -7.59 -31.82
N ALA A 561 8.19 -7.87 -31.70
CA ALA A 561 7.52 -8.88 -32.47
C ALA A 561 7.55 -8.54 -33.95
N GLY A 562 7.77 -9.55 -34.78
CA GLY A 562 7.70 -9.40 -36.23
C GLY A 562 6.30 -9.07 -36.70
N THR A 563 5.32 -9.25 -35.82
CA THR A 563 3.91 -9.01 -36.08
C THR A 563 3.11 -8.76 -34.80
N LYS A 564 1.90 -8.22 -34.94
CA LYS A 564 0.97 -8.16 -33.81
C LYS A 564 0.44 -9.56 -33.47
N ARG A 565 -0.48 -9.64 -32.51
CA ARG A 565 -1.00 -10.93 -32.03
C ARG A 565 0.08 -11.86 -31.43
N ARG A 566 0.14 -11.90 -30.10
CA ARG A 566 1.20 -12.59 -29.36
C ARG A 566 0.80 -12.86 -27.91
N VAL A 567 1.10 -14.04 -27.39
CA VAL A 567 0.74 -14.35 -26.02
C VAL A 567 1.96 -14.57 -25.13
N PHE A 568 1.87 -14.13 -23.89
CA PHE A 568 2.99 -14.26 -22.97
C PHE A 568 2.65 -15.10 -21.78
N ILE A 569 3.44 -16.12 -21.61
CA ILE A 569 3.31 -16.94 -20.46
C ILE A 569 4.47 -16.54 -19.60
N ILE A 570 4.21 -16.24 -18.34
CA ILE A 570 5.26 -15.84 -17.42
C ILE A 570 5.15 -16.50 -16.05
N GLU A 571 6.24 -17.13 -15.66
CA GLU A 571 6.33 -17.84 -14.39
C GLU A 571 6.84 -16.94 -13.29
N THR A 572 5.99 -16.73 -12.30
CA THR A 572 6.36 -15.91 -11.16
C THR A 572 7.07 -16.79 -10.14
N MET A 573 7.60 -16.14 -9.13
CA MET A 573 8.29 -16.81 -8.04
C MET A 573 7.38 -16.90 -6.82
N GLY A 574 7.94 -17.36 -5.70
CA GLY A 574 7.25 -17.36 -4.42
C GLY A 574 6.90 -18.72 -3.89
N GLY A 575 7.74 -19.70 -4.19
CA GLY A 575 7.50 -21.06 -3.77
C GLY A 575 6.08 -21.45 -4.09
N TYR A 576 5.38 -21.94 -3.08
CA TYR A 576 4.03 -22.44 -3.26
C TYR A 576 2.96 -21.34 -3.18
N CYS A 577 3.32 -20.20 -2.63
CA CYS A 577 2.36 -19.11 -2.40
C CYS A 577 2.03 -18.34 -3.66
N GLY A 578 0.76 -18.43 -4.05
CA GLY A 578 0.29 -17.72 -5.22
C GLY A 578 0.20 -16.21 -5.08
N TYR A 579 0.63 -15.66 -3.96
CA TYR A 579 0.40 -14.25 -3.71
C TYR A 579 0.81 -13.43 -4.91
N LEU A 580 2.08 -13.48 -5.22
CA LEU A 580 2.61 -12.67 -6.27
C LEU A 580 1.83 -12.92 -7.50
N ALA A 581 1.94 -14.14 -7.98
CA ALA A 581 1.29 -14.53 -9.20
C ALA A 581 -0.08 -13.94 -9.25
N THR A 582 -0.86 -14.19 -8.22
CA THR A 582 -2.23 -13.72 -8.19
C THR A 582 -2.25 -12.21 -8.27
N MET A 583 -1.50 -11.56 -7.40
CA MET A 583 -1.52 -10.11 -7.32
C MET A 583 -0.97 -9.47 -8.58
N ALA A 584 0.20 -9.89 -9.02
CA ALA A 584 0.77 -9.39 -10.26
C ALA A 584 -0.17 -9.73 -11.40
N GLY A 585 -0.83 -10.87 -11.30
CA GLY A 585 -1.80 -11.29 -12.30
C GLY A 585 -2.97 -10.34 -12.44
N LEU A 586 -3.32 -9.69 -11.34
CA LEU A 586 -4.43 -8.76 -11.31
C LEU A 586 -3.96 -7.34 -11.64
N ALA A 587 -2.83 -6.97 -11.08
CA ALA A 587 -2.31 -5.66 -11.28
C ALA A 587 -1.94 -5.44 -12.73
N ALA A 588 -1.62 -6.51 -13.43
CA ALA A 588 -1.24 -6.43 -14.84
C ALA A 588 -2.38 -6.79 -15.77
N GLY A 589 -3.40 -7.41 -15.19
CA GLY A 589 -4.57 -7.86 -15.92
C GLY A 589 -4.31 -9.06 -16.80
N ALA A 590 -3.85 -10.15 -16.20
CA ALA A 590 -3.60 -11.42 -16.89
C ALA A 590 -4.87 -12.20 -17.11
N ASP A 591 -4.97 -12.85 -18.27
CA ASP A 591 -6.10 -13.69 -18.55
C ASP A 591 -6.17 -14.80 -17.53
N ALA A 592 -5.02 -15.27 -17.11
CA ALA A 592 -4.95 -16.32 -16.11
C ALA A 592 -3.72 -16.22 -15.24
N ALA A 593 -3.91 -16.58 -13.97
CA ALA A 593 -2.86 -16.71 -13.01
C ALA A 593 -3.04 -18.05 -12.34
N TYR A 594 -2.23 -19.00 -12.75
CA TYR A 594 -2.27 -20.31 -12.17
C TYR A 594 -1.51 -20.33 -10.89
N ILE A 595 -2.19 -20.73 -9.82
CA ILE A 595 -1.59 -20.76 -8.50
C ILE A 595 -1.83 -22.10 -7.82
N PHE A 596 -1.05 -22.39 -6.80
CA PHE A 596 -1.14 -23.66 -6.11
C PHE A 596 -2.48 -23.82 -5.42
N GLU A 597 -2.72 -22.87 -4.53
CA GLU A 597 -3.86 -22.87 -3.63
C GLU A 597 -5.21 -23.03 -4.36
N GLU A 598 -5.22 -22.74 -5.67
CA GLU A 598 -6.37 -22.97 -6.55
C GLU A 598 -5.96 -23.96 -7.64
N PRO A 599 -6.13 -25.25 -7.37
CA PRO A 599 -5.68 -26.29 -8.25
C PRO A 599 -6.52 -26.32 -9.50
N PHE A 600 -5.87 -26.65 -10.60
CA PHE A 600 -6.48 -26.64 -11.90
C PHE A 600 -6.31 -27.97 -12.60
N THR A 601 -7.37 -28.41 -13.26
CA THR A 601 -7.32 -29.61 -14.05
C THR A 601 -7.20 -29.19 -15.50
N ILE A 602 -6.57 -30.02 -16.31
CA ILE A 602 -6.45 -29.72 -17.71
C ILE A 602 -7.79 -29.29 -18.28
N ARG A 603 -8.83 -30.02 -17.90
CA ARG A 603 -10.21 -29.72 -18.26
C ARG A 603 -10.47 -28.22 -18.20
N ASP A 604 -9.97 -27.59 -17.14
CA ASP A 604 -10.05 -26.14 -16.99
C ASP A 604 -9.02 -25.51 -17.88
N LEU A 605 -7.78 -25.94 -17.70
CA LEU A 605 -6.68 -25.41 -18.45
C LEU A 605 -7.02 -25.23 -19.90
N GLN A 606 -7.65 -26.25 -20.45
CA GLN A 606 -8.14 -26.19 -21.79
C GLN A 606 -9.05 -24.98 -21.97
N ALA A 607 -10.11 -24.91 -21.17
CA ALA A 607 -11.12 -23.85 -21.31
C ALA A 607 -10.63 -22.43 -21.00
N ASN A 608 -9.49 -22.31 -20.32
CA ASN A 608 -8.84 -21.02 -20.16
C ASN A 608 -8.24 -20.57 -21.48
N VAL A 609 -7.90 -21.56 -22.31
CA VAL A 609 -7.30 -21.30 -23.59
C VAL A 609 -8.37 -21.17 -24.66
N GLU A 610 -9.24 -22.18 -24.76
CA GLU A 610 -10.37 -22.14 -25.69
C GLU A 610 -11.18 -20.90 -25.38
N HIS A 611 -10.48 -19.87 -24.94
CA HIS A 611 -11.06 -18.66 -24.45
C HIS A 611 -10.21 -17.47 -24.78
N LEU A 612 -8.96 -17.51 -24.36
CA LEU A 612 -8.04 -16.46 -24.70
C LEU A 612 -7.93 -16.39 -26.21
N VAL A 613 -7.93 -17.55 -26.84
CA VAL A 613 -7.92 -17.65 -28.29
C VAL A 613 -9.11 -16.88 -28.86
N GLN A 614 -10.31 -17.18 -28.37
CA GLN A 614 -11.52 -16.48 -28.83
C GLN A 614 -11.48 -14.95 -28.61
N LYS A 615 -10.51 -14.49 -27.85
CA LYS A 615 -10.34 -13.07 -27.64
C LYS A 615 -9.22 -12.53 -28.52
N MET A 616 -8.13 -13.29 -28.58
CA MET A 616 -7.00 -13.03 -29.49
C MET A 616 -7.45 -13.02 -30.95
N LYS A 617 -8.55 -13.72 -31.22
CA LYS A 617 -9.19 -13.71 -32.54
C LYS A 617 -9.98 -12.44 -32.76
N THR A 618 -10.09 -11.59 -31.74
CA THR A 618 -10.86 -10.36 -31.84
C THR A 618 -10.21 -9.18 -31.14
N THR A 619 -10.79 -8.82 -30.02
CA THR A 619 -10.47 -7.61 -29.29
C THR A 619 -9.03 -7.44 -28.83
N VAL A 620 -8.44 -8.53 -28.33
CA VAL A 620 -7.11 -8.48 -27.69
C VAL A 620 -5.97 -8.82 -28.64
N LYS A 621 -4.91 -8.03 -28.56
CA LYS A 621 -3.76 -8.17 -29.43
C LYS A 621 -2.55 -8.67 -28.68
N ARG A 622 -2.56 -8.49 -27.37
CA ARG A 622 -1.51 -9.01 -26.53
C ARG A 622 -2.14 -9.78 -25.37
N GLY A 623 -1.57 -10.93 -25.02
CA GLY A 623 -2.13 -11.82 -24.00
C GLY A 623 -1.19 -12.23 -22.88
N LEU A 624 -1.70 -12.17 -21.65
CA LEU A 624 -0.90 -12.47 -20.50
C LEU A 624 -1.38 -13.65 -19.69
N VAL A 625 -0.50 -14.63 -19.57
CA VAL A 625 -0.73 -15.78 -18.74
C VAL A 625 0.32 -15.76 -17.66
N LEU A 626 -0.12 -15.71 -16.42
CA LEU A 626 0.77 -15.85 -15.30
C LEU A 626 0.72 -17.25 -14.75
N ARG A 627 1.86 -17.73 -14.29
CA ARG A 627 1.99 -19.06 -13.72
C ARG A 627 2.88 -19.06 -12.48
N ASN A 628 2.30 -19.46 -11.36
CA ASN A 628 3.05 -19.72 -10.14
C ASN A 628 4.08 -20.79 -10.41
N GLU A 629 5.30 -20.56 -9.97
CA GLU A 629 6.39 -21.48 -10.27
C GLU A 629 6.17 -22.93 -9.85
N LYS A 630 5.15 -23.19 -9.04
CA LYS A 630 4.91 -24.56 -8.59
C LYS A 630 3.44 -24.96 -8.52
N CYS A 631 2.55 -24.07 -8.94
CA CYS A 631 1.09 -24.29 -8.94
C CYS A 631 0.66 -25.72 -9.23
N ASN A 632 1.58 -26.49 -9.79
CA ASN A 632 1.35 -27.82 -10.29
C ASN A 632 2.71 -28.44 -10.70
N GLU A 633 2.87 -29.74 -10.43
CA GLU A 633 4.08 -30.51 -10.79
C GLU A 633 4.17 -30.84 -12.29
N ASN A 634 3.06 -31.28 -12.89
CA ASN A 634 3.09 -31.69 -14.28
C ASN A 634 2.79 -30.58 -15.24
N TYR A 635 1.71 -29.85 -15.00
CA TYR A 635 1.34 -28.74 -15.87
C TYR A 635 2.32 -27.60 -15.67
N THR A 636 3.59 -27.86 -15.97
CA THR A 636 4.67 -26.90 -15.78
C THR A 636 4.55 -25.68 -16.67
N THR A 637 5.54 -24.80 -16.56
CA THR A 637 5.70 -23.69 -17.46
C THR A 637 5.62 -24.18 -18.89
N ASP A 638 6.46 -25.17 -19.20
CA ASP A 638 6.58 -25.76 -20.53
C ASP A 638 5.32 -26.42 -21.06
N PHE A 639 4.50 -26.95 -20.18
CA PHE A 639 3.24 -27.53 -20.55
C PHE A 639 2.20 -26.48 -20.89
N ILE A 640 1.97 -25.54 -19.96
CA ILE A 640 1.07 -24.40 -20.15
C ILE A 640 1.43 -23.69 -21.46
N PHE A 641 2.71 -23.39 -21.60
CA PHE A 641 3.24 -22.73 -22.76
C PHE A 641 2.85 -23.45 -24.04
N ASN A 642 3.47 -24.60 -24.25
CA ASN A 642 3.18 -25.43 -25.42
C ASN A 642 1.68 -25.55 -25.69
N LEU A 643 0.90 -25.85 -24.66
CA LEU A 643 -0.54 -25.95 -24.83
C LEU A 643 -1.08 -24.66 -25.40
N TYR A 644 -0.79 -23.55 -24.74
CA TYR A 644 -1.21 -22.26 -25.24
C TYR A 644 -0.73 -22.03 -26.67
N SER A 645 0.47 -22.49 -26.98
CA SER A 645 1.01 -22.30 -28.32
C SER A 645 0.17 -22.99 -29.36
N GLU A 646 0.15 -24.32 -29.31
CA GLU A 646 -0.50 -25.14 -30.34
C GLU A 646 -1.89 -24.63 -30.62
N GLU A 647 -2.70 -24.54 -29.57
CA GLU A 647 -4.09 -24.13 -29.71
C GLU A 647 -4.18 -22.81 -30.44
N GLY A 648 -3.21 -21.94 -30.20
CA GLY A 648 -3.18 -20.63 -30.82
C GLY A 648 -2.32 -20.56 -32.06
N LYS A 649 -2.07 -21.70 -32.68
CA LYS A 649 -1.39 -21.74 -33.95
C LYS A 649 -2.15 -20.95 -35.00
N GLY A 650 -1.44 -20.10 -35.72
CA GLY A 650 -2.06 -19.25 -36.71
C GLY A 650 -2.67 -18.03 -36.07
N ILE A 651 -3.62 -18.24 -35.17
CA ILE A 651 -4.34 -17.17 -34.48
C ILE A 651 -3.41 -16.15 -33.82
N PHE A 652 -2.41 -16.65 -33.08
CA PHE A 652 -1.42 -15.80 -32.45
C PHE A 652 -0.03 -16.41 -32.29
N ASP A 653 0.87 -15.57 -31.82
CA ASP A 653 2.22 -15.94 -31.48
C ASP A 653 2.33 -16.04 -29.97
N SER A 654 3.44 -16.58 -29.48
CA SER A 654 3.60 -16.85 -28.06
C SER A 654 5.04 -17.08 -27.60
N ARG A 655 5.45 -16.31 -26.60
CA ARG A 655 6.73 -16.51 -25.95
C ARG A 655 6.54 -16.87 -24.50
N LYS A 656 7.54 -17.53 -23.95
CA LYS A 656 7.58 -17.89 -22.56
C LYS A 656 8.68 -17.12 -21.83
N ASN A 657 8.33 -16.57 -20.67
CA ASN A 657 9.30 -15.85 -19.83
C ASN A 657 9.33 -16.28 -18.37
N VAL A 658 10.48 -16.78 -17.95
CA VAL A 658 10.66 -17.10 -16.55
C VAL A 658 11.44 -15.96 -15.93
N LEU A 659 10.77 -15.20 -15.08
CA LEU A 659 11.39 -14.09 -14.37
C LEU A 659 12.36 -14.62 -13.33
N GLY A 660 11.94 -15.68 -12.66
CA GLY A 660 12.70 -16.24 -11.56
C GLY A 660 12.91 -15.18 -10.51
N HIS A 661 14.01 -15.34 -9.77
CA HIS A 661 14.32 -14.49 -8.65
C HIS A 661 15.36 -13.47 -9.08
N MET A 662 14.92 -12.55 -9.92
CA MET A 662 15.74 -11.44 -10.40
C MET A 662 16.17 -10.52 -9.26
N GLN A 663 17.38 -10.75 -8.76
CA GLN A 663 17.95 -10.03 -7.61
C GLN A 663 16.94 -9.23 -6.79
N GLN A 664 16.40 -9.88 -5.77
CA GLN A 664 15.40 -9.27 -4.90
C GLN A 664 16.02 -8.33 -3.85
N GLY A 665 17.32 -8.07 -4.00
CA GLY A 665 18.04 -7.16 -3.12
C GLY A 665 18.21 -5.78 -3.71
N GLY A 666 17.20 -5.32 -4.43
CA GLY A 666 17.23 -4.04 -5.11
C GLY A 666 17.05 -2.87 -4.17
N SER A 667 15.85 -2.31 -4.15
CA SER A 667 15.55 -1.18 -3.30
C SER A 667 14.07 -1.11 -2.94
N PRO A 668 13.76 -1.00 -1.64
CA PRO A 668 12.42 -1.04 -1.08
C PRO A 668 11.51 0.06 -1.58
N THR A 669 10.27 -0.28 -1.84
CA THR A 669 9.26 0.71 -2.11
C THR A 669 8.93 1.37 -0.78
N PRO A 670 8.40 2.59 -0.83
CA PRO A 670 8.01 3.31 0.37
C PRO A 670 7.30 2.42 1.37
N PHE A 671 6.28 1.71 0.89
CA PHE A 671 5.44 0.93 1.75
C PHE A 671 6.26 -0.02 2.59
N ASP A 672 7.11 -0.80 1.95
CA ASP A 672 7.90 -1.76 2.66
C ASP A 672 8.79 -1.09 3.71
N ARG A 673 9.29 0.10 3.38
CA ARG A 673 10.13 0.87 4.28
C ARG A 673 9.37 1.27 5.52
N ASN A 674 8.21 1.86 5.31
CA ASN A 674 7.30 2.18 6.37
C ASN A 674 6.95 0.94 7.17
N PHE A 675 6.33 -0.02 6.51
CA PHE A 675 5.98 -1.28 7.12
C PHE A 675 7.14 -1.86 7.92
N ALA A 676 8.33 -1.86 7.34
CA ALA A 676 9.52 -2.36 8.00
C ALA A 676 9.99 -1.46 9.14
N THR A 677 9.63 -0.20 9.06
CA THR A 677 10.02 0.72 10.09
C THR A 677 9.03 0.70 11.26
N LYS A 678 7.75 0.70 10.91
CA LYS A 678 6.66 0.69 11.88
C LYS A 678 6.81 -0.49 12.82
N MET A 679 6.84 -1.69 12.25
CA MET A 679 6.94 -2.94 12.99
C MET A 679 8.17 -2.94 13.84
N GLY A 680 9.29 -2.56 13.21
CA GLY A 680 10.60 -2.50 13.86
C GLY A 680 10.61 -1.63 15.09
N ALA A 681 9.59 -0.81 15.22
CA ALA A 681 9.33 -0.05 16.42
C ALA A 681 8.34 -0.82 17.29
N LYS A 682 7.24 -1.22 16.68
CA LYS A 682 6.14 -1.90 17.37
C LYS A 682 6.57 -3.11 18.20
N ALA A 683 7.44 -3.92 17.62
CA ALA A 683 7.97 -5.09 18.31
C ALA A 683 8.93 -4.71 19.43
N MET A 684 9.97 -3.95 19.10
CA MET A 684 10.98 -3.53 20.06
C MET A 684 10.32 -3.03 21.34
N ASN A 685 9.23 -2.29 21.19
CA ASN A 685 8.44 -1.78 22.28
C ASN A 685 7.82 -2.91 23.08
N TRP A 686 7.05 -3.74 22.39
CA TRP A 686 6.45 -4.93 22.96
C TRP A 686 7.52 -5.73 23.68
N MET A 687 8.65 -5.90 23.01
CA MET A 687 9.72 -6.77 23.46
C MET A 687 10.24 -6.28 24.78
N SER A 688 10.50 -4.98 24.86
CA SER A 688 10.93 -4.36 26.10
C SER A 688 9.98 -4.63 27.27
N GLY A 689 8.70 -4.81 26.96
CA GLY A 689 7.68 -5.05 27.97
C GLY A 689 7.64 -6.50 28.39
N LYS A 690 7.94 -7.37 27.45
CA LYS A 690 8.03 -8.78 27.73
C LYS A 690 9.28 -9.14 28.51
N ILE A 691 10.37 -8.43 28.26
CA ILE A 691 11.60 -8.67 29.02
C ILE A 691 11.47 -8.16 30.48
N LYS A 692 10.67 -7.12 30.71
CA LYS A 692 10.46 -6.62 32.08
C LYS A 692 9.61 -7.58 32.91
N GLU A 693 8.65 -8.20 32.24
CA GLU A 693 7.74 -9.09 32.90
C GLU A 693 8.31 -10.49 33.14
N SER A 694 9.40 -10.84 32.45
CA SER A 694 10.04 -12.13 32.71
C SER A 694 11.39 -12.02 33.43
N TYR A 695 11.70 -10.83 33.96
CA TYR A 695 12.82 -10.61 34.89
C TYR A 695 12.36 -10.92 36.29
N ARG A 696 12.99 -11.91 36.90
CA ARG A 696 12.59 -12.33 38.22
C ARG A 696 13.69 -12.13 39.23
N ASN A 697 14.65 -13.05 39.24
CA ASN A 697 15.75 -13.08 40.18
C ASN A 697 17.09 -12.99 39.47
N GLY A 698 17.46 -11.78 39.04
CA GLY A 698 18.74 -11.51 38.36
C GLY A 698 18.94 -12.30 37.09
N ARG A 699 17.86 -12.94 36.66
CA ARG A 699 17.83 -13.81 35.50
C ARG A 699 16.46 -13.73 34.87
N ILE A 700 16.42 -13.60 33.55
CA ILE A 700 15.17 -13.60 32.85
C ILE A 700 14.69 -15.01 32.57
N PHE A 701 13.39 -15.13 32.54
CA PHE A 701 12.74 -16.41 32.40
C PHE A 701 11.38 -16.24 31.72
N ALA A 702 11.42 -16.36 30.40
CA ALA A 702 10.23 -16.36 29.56
C ALA A 702 9.95 -17.79 29.12
N ASN A 703 8.96 -18.37 29.76
CA ASN A 703 8.57 -19.74 29.52
C ASN A 703 7.09 -19.83 29.17
N THR A 704 6.47 -18.66 29.08
CA THR A 704 5.09 -18.50 28.65
C THR A 704 5.01 -18.55 27.09
N PRO A 705 3.84 -18.88 26.50
CA PRO A 705 3.73 -18.78 25.05
C PRO A 705 3.63 -17.35 24.52
N ASP A 706 3.37 -16.40 25.41
CA ASP A 706 3.20 -14.99 25.03
C ASP A 706 4.50 -14.28 24.65
N SER A 707 5.61 -14.79 25.15
CA SER A 707 6.93 -14.21 24.88
C SER A 707 7.56 -14.64 23.53
N GLY A 708 6.87 -15.47 22.78
CA GLY A 708 7.38 -16.02 21.52
C GLY A 708 6.43 -15.87 20.35
N CYS A 709 6.48 -14.71 19.71
CA CYS A 709 5.44 -14.30 18.78
C CYS A 709 5.89 -13.82 17.43
N VAL A 710 5.00 -13.96 16.46
CA VAL A 710 5.15 -13.28 15.21
C VAL A 710 4.18 -12.16 15.22
N LEU A 711 4.72 -10.98 15.02
CA LEU A 711 3.92 -9.83 14.81
C LEU A 711 3.36 -9.96 13.42
N GLY A 712 2.12 -9.57 13.22
CA GLY A 712 1.54 -9.60 11.90
C GLY A 712 0.33 -8.74 11.64
N MET A 713 0.09 -8.49 10.36
CA MET A 713 -1.09 -7.81 9.92
C MET A 713 -2.30 -8.73 9.92
N ARG A 714 -3.30 -8.41 10.74
CA ARG A 714 -4.55 -9.16 10.74
C ARG A 714 -5.72 -8.20 10.77
N LYS A 715 -6.28 -7.90 9.60
CA LYS A 715 -7.35 -6.91 9.46
C LYS A 715 -6.94 -5.45 9.78
N ARG A 716 -7.67 -4.77 10.66
CA ARG A 716 -7.41 -3.34 10.92
C ARG A 716 -6.25 -3.07 11.87
N ALA A 717 -5.71 -4.13 12.47
CA ALA A 717 -4.67 -3.97 13.48
C ALA A 717 -3.51 -4.96 13.35
N LEU A 718 -2.31 -4.49 13.68
CA LEU A 718 -1.15 -5.33 13.83
C LEU A 718 -1.36 -6.19 15.08
N VAL A 719 -0.94 -7.46 15.06
CA VAL A 719 -1.12 -8.33 16.23
C VAL A 719 -0.01 -9.36 16.50
N PHE A 720 0.38 -9.41 17.76
CA PHE A 720 1.29 -10.41 18.28
C PHE A 720 0.56 -11.72 18.47
N GLN A 721 1.00 -12.74 17.76
CA GLN A 721 0.43 -14.06 17.92
C GLN A 721 1.55 -15.04 18.12
N PRO A 722 1.41 -15.88 19.14
CA PRO A 722 2.44 -16.81 19.47
C PRO A 722 2.61 -17.81 18.38
N VAL A 723 3.86 -18.05 18.07
CA VAL A 723 4.28 -19.04 17.11
C VAL A 723 3.38 -20.28 17.20
N ALA A 724 3.40 -20.90 18.37
CA ALA A 724 2.69 -22.14 18.62
C ALA A 724 1.19 -22.06 18.30
N GLU A 725 0.58 -20.92 18.56
CA GLU A 725 -0.82 -20.74 18.27
C GLU A 725 -1.08 -20.77 16.81
N LEU A 726 0.00 -20.61 16.05
CA LEU A 726 -0.11 -20.53 14.63
C LEU A 726 0.18 -21.85 13.94
N LYS A 727 0.73 -22.82 14.66
CA LYS A 727 1.09 -24.13 14.10
C LYS A 727 0.00 -24.73 13.26
N ASP A 728 -1.18 -24.81 13.86
CA ASP A 728 -2.35 -25.37 13.22
C ASP A 728 -2.97 -24.49 12.13
N GLN A 729 -2.45 -23.29 11.97
CA GLN A 729 -2.91 -22.37 10.95
C GLN A 729 -1.99 -22.43 9.76
N THR A 730 -0.97 -23.26 9.85
CA THR A 730 0.02 -23.29 8.81
C THR A 730 0.32 -24.67 8.27
N ASP A 731 0.41 -24.72 6.95
CA ASP A 731 0.77 -25.89 6.16
C ASP A 731 2.30 -25.93 6.09
N PHE A 732 2.90 -26.96 6.67
CA PHE A 732 4.36 -27.05 6.78
C PHE A 732 5.03 -27.79 5.64
N GLU A 733 4.26 -28.59 4.94
CA GLU A 733 4.73 -29.24 3.72
C GLU A 733 5.09 -28.25 2.63
N HIS A 734 4.24 -27.23 2.44
CA HIS A 734 4.36 -26.21 1.37
C HIS A 734 4.79 -24.85 1.89
N ARG A 735 4.95 -24.78 3.20
CA ARG A 735 5.55 -23.65 3.88
C ARG A 735 4.72 -22.39 3.70
N ILE A 736 3.41 -22.55 3.80
CA ILE A 736 2.48 -21.48 3.56
C ILE A 736 1.45 -21.42 4.68
N PRO A 737 0.68 -20.33 4.75
CA PRO A 737 -0.42 -20.37 5.69
C PRO A 737 -1.64 -21.04 5.09
N LYS A 738 -2.41 -21.72 5.94
CA LYS A 738 -3.76 -22.11 5.59
C LYS A 738 -4.56 -20.82 5.60
N GLU A 739 -5.54 -20.71 4.72
CA GLU A 739 -6.41 -19.53 4.70
C GLU A 739 -5.60 -18.27 4.41
N GLN A 740 -5.47 -17.95 3.15
CA GLN A 740 -4.83 -16.72 2.76
C GLN A 740 -5.90 -15.73 2.31
N TRP A 741 -5.86 -14.52 2.83
CA TRP A 741 -6.92 -13.54 2.65
C TRP A 741 -7.23 -13.24 1.18
N TRP A 742 -6.19 -13.28 0.34
CA TRP A 742 -6.24 -12.79 -1.03
C TRP A 742 -6.80 -13.78 -2.04
N LEU A 743 -7.05 -14.99 -1.59
CA LEU A 743 -7.79 -15.96 -2.38
C LEU A 743 -9.18 -15.42 -2.65
N LYS A 744 -9.60 -14.48 -1.81
CA LYS A 744 -10.87 -13.78 -1.95
C LYS A 744 -10.88 -12.88 -3.19
N LEU A 745 -9.72 -12.72 -3.82
CA LEU A 745 -9.58 -11.88 -5.00
C LEU A 745 -9.62 -12.67 -6.28
N ARG A 746 -9.26 -13.94 -6.20
CA ARG A 746 -9.22 -14.85 -7.36
C ARG A 746 -10.39 -14.70 -8.32
N PRO A 747 -11.62 -14.71 -7.79
CA PRO A 747 -12.74 -14.49 -8.67
C PRO A 747 -12.63 -13.16 -9.40
N ILE A 748 -12.34 -12.09 -8.68
CA ILE A 748 -12.32 -10.73 -9.25
C ILE A 748 -11.34 -10.68 -10.41
N LEU A 749 -10.19 -11.31 -10.24
CA LEU A 749 -9.22 -11.41 -11.29
C LEU A 749 -9.84 -12.13 -12.47
N LYS A 750 -10.73 -13.06 -12.17
CA LYS A 750 -11.35 -13.89 -13.18
C LYS A 750 -12.44 -13.19 -14.02
N ILE A 751 -13.29 -12.39 -13.40
CA ILE A 751 -14.33 -11.74 -14.18
C ILE A 751 -13.76 -10.59 -15.00
N LEU A 752 -12.68 -10.00 -14.49
CA LEU A 752 -11.92 -8.93 -15.16
C LEU A 752 -11.31 -9.44 -16.44
N ALA A 753 -11.06 -10.74 -16.47
CA ALA A 753 -10.62 -11.38 -17.69
C ALA A 753 -11.81 -11.82 -18.55
N LYS A 754 -13.03 -11.70 -18.03
CA LYS A 754 -14.31 -12.08 -18.70
C LYS A 754 -14.59 -13.56 -18.66
N TYR A 755 -14.77 -14.09 -17.47
CA TYR A 755 -15.06 -15.48 -17.36
C TYR A 755 -16.44 -15.65 -16.77
#